data_3SKA
#
_entry.id   3SKA
#
_cell.length_a   90.670
_cell.length_b   106.970
_cell.length_c   133.740
_cell.angle_alpha   90.00
_cell.angle_beta   90.00
_cell.angle_gamma   90.00
#
_symmetry.space_group_name_H-M   'P 21 21 21'
#
loop_
_entity.id
_entity.type
_entity.pdbx_description
1 polymer 'HCV NS5B RNA_DEPENDENT RNA POLYMERASE'
2 non-polymer 'PHOSPHATE ION'
3 non-polymer '1-[(2-aminopyridin-4-yl)methyl]-3-(2-oxo-1,2-dihydropyridin-3-yl)-5-(trifluoromethyl)-1H-indole-2-carboxylic acid'
4 water water
#
_entity_poly.entity_id   1
_entity_poly.type   'polypeptide(L)'
_entity_poly.pdbx_seq_one_letter_code
;SMSYTWTGALITPCAAEESKLPINPLSNSLLRHHNMVYATTSRSASLRQKKVTFDRLQVLDDHYRDVLKEMKAKASTVKA
KLLSIEEACKLTPPHSAKSKFGYGAKDVRNLSSRAVNHIRSVWEDLLEDTETPIDTTIMAKSEVFCVQPEKGGRKPARLI
VFPDLGVRVCEKMALYDVVSTLPQAVMGSSYGFQYSPKQRVEFLVNTWKSKKCPMGFSYDTRCFDSTVTESDIRVEESIY
QCCDLAPEARQAIRSLTERLYIGGPLTNSKGQNCGYRRCRASGVLTTSCGNTLTCYLKATAACRAAKLQDCTMLVNGDDL
VVICESAGTQEDAAALRAFTEAMTRYSAPPGDPPQPEYDLELITSCSSNVSVAHDASGKRVYYLTRDPTTPLARAAWETA
RHTPINSWLGNIIMYAPTLWARMILMTHFFSILLAQEQLGKALDCQIYGACYSIEPLDLPQIIERLHGLSAFTLHSYSPG
EINRVASCLRKLGVPPLRTWRHRARSVRAKLLSQGGRAAICGRYLFNWAVRTKLKLTPIPAASQLDLSGWFVAGYSGGDI
YHSLSRARPRENLYFQ
;
_entity_poly.pdbx_strand_id   A,B
#
loop_
_chem_comp.id
_chem_comp.type
_chem_comp.name
_chem_comp.formula
053 non-polymer '1-[(2-aminopyridin-4-yl)methyl]-3-(2-oxo-1,2-dihydropyridin-3-yl)-5-(trifluoromethyl)-1H-indole-2-carboxylic acid' 'C21 H15 F3 N4 O3'
PO4 non-polymer 'PHOSPHATE ION' 'O4 P -3'
#
# COMPACT_ATOMS: atom_id res chain seq x y z
N SER A 1 -3.29 -26.05 -5.41
CA SER A 1 -4.24 -26.65 -4.48
C SER A 1 -5.57 -26.84 -5.19
N MET A 2 -6.42 -27.69 -4.63
CA MET A 2 -7.76 -27.93 -5.17
C MET A 2 -8.64 -26.73 -4.89
N SER A 3 -9.39 -26.31 -5.91
CA SER A 3 -10.32 -25.19 -5.73
C SER A 3 -11.32 -25.50 -4.61
N TYR A 4 -11.79 -26.77 -4.56
CA TYR A 4 -12.70 -27.25 -3.53
C TYR A 4 -12.34 -28.64 -3.12
N THR A 5 -12.67 -28.97 -1.87
CA THR A 5 -12.66 -30.33 -1.35
C THR A 5 -14.09 -30.54 -0.81
N TRP A 6 -14.62 -31.77 -0.92
CA TRP A 6 -16.00 -32.03 -0.50
C TRP A 6 -16.04 -33.17 0.49
N THR A 7 -16.95 -33.10 1.47
CA THR A 7 -17.12 -34.15 2.49
C THR A 7 -18.08 -35.26 2.00
N GLY A 8 -18.92 -34.95 1.02
CA GLY A 8 -19.98 -35.85 0.53
C GLY A 8 -21.36 -35.39 0.94
N ALA A 9 -21.47 -34.44 1.91
CA ALA A 9 -22.78 -33.90 2.29
C ALA A 9 -23.32 -33.17 1.05
N LEU A 10 -24.64 -33.20 0.83
CA LEU A 10 -25.17 -32.57 -0.39
C LEU A 10 -25.35 -31.07 -0.28
N ILE A 11 -25.42 -30.40 -1.45
CA ILE A 11 -25.80 -29.00 -1.50
C ILE A 11 -27.30 -29.08 -1.51
N THR A 12 -27.92 -28.61 -0.45
CA THR A 12 -29.34 -28.77 -0.20
C THR A 12 -30.16 -27.51 -0.44
N PRO A 13 -31.45 -27.63 -0.83
CA PRO A 13 -32.29 -26.42 -0.96
C PRO A 13 -32.86 -26.03 0.41
N CYS A 14 -33.36 -24.80 0.57
CA CYS A 14 -33.96 -24.42 1.84
C CYS A 14 -35.50 -24.55 1.82
N ALA A 15 -36.07 -24.56 0.59
CA ALA A 15 -37.49 -24.72 0.33
C ALA A 15 -37.69 -25.46 -1.01
N ALA A 16 -38.96 -25.68 -1.42
CA ALA A 16 -39.32 -26.35 -2.68
C ALA A 16 -38.71 -25.58 -3.85
N GLU A 17 -38.25 -26.30 -4.90
CA GLU A 17 -37.63 -25.65 -6.06
C GLU A 17 -38.41 -25.91 -7.33
N GLU A 18 -38.72 -24.86 -8.07
CA GLU A 18 -39.43 -24.95 -9.33
C GLU A 18 -38.45 -25.00 -10.48
N SER A 19 -38.57 -25.98 -11.37
CA SER A 19 -37.65 -26.04 -12.50
C SER A 19 -38.37 -25.80 -13.85
N LYS A 20 -39.68 -25.94 -13.89
CA LYS A 20 -40.45 -25.82 -15.13
C LYS A 20 -41.20 -24.51 -15.18
N LEU A 21 -41.23 -23.89 -16.38
CA LEU A 21 -42.01 -22.66 -16.55
C LEU A 21 -43.49 -23.03 -16.38
N PRO A 22 -44.23 -22.37 -15.48
CA PRO A 22 -45.66 -22.67 -15.35
C PRO A 22 -46.43 -22.37 -16.64
N ILE A 23 -47.59 -23.01 -16.82
CA ILE A 23 -48.45 -22.76 -17.98
C ILE A 23 -49.44 -21.73 -17.47
N ASN A 24 -49.15 -20.45 -17.76
CA ASN A 24 -49.91 -19.34 -17.23
C ASN A 24 -50.36 -18.44 -18.39
N PRO A 25 -51.59 -17.88 -18.37
CA PRO A 25 -52.06 -17.10 -19.54
C PRO A 25 -51.20 -15.90 -19.89
N LEU A 26 -50.74 -15.17 -18.87
CA LEU A 26 -49.91 -13.98 -19.10
C LEU A 26 -48.53 -14.30 -19.68
N SER A 27 -47.85 -15.36 -19.15
CA SER A 27 -46.55 -15.71 -19.73
C SER A 27 -46.75 -16.33 -21.11
N ASN A 28 -47.87 -17.07 -21.30
CA ASN A 28 -48.14 -17.72 -22.58
C ASN A 28 -48.44 -16.69 -23.67
N SER A 29 -48.83 -15.44 -23.31
CA SER A 29 -49.05 -14.38 -24.31
C SER A 29 -47.70 -13.92 -24.88
N LEU A 30 -46.64 -14.16 -24.12
CA LEU A 30 -45.30 -13.76 -24.53
C LEU A 30 -44.59 -14.90 -25.19
N LEU A 31 -44.66 -16.08 -24.61
CA LEU A 31 -43.84 -17.20 -25.07
C LEU A 31 -44.66 -18.48 -24.90
N ARG A 32 -44.93 -19.15 -26.01
CA ARG A 32 -45.78 -20.35 -26.03
C ARG A 32 -45.04 -21.67 -25.83
N HIS A 33 -43.74 -21.75 -26.17
CA HIS A 33 -42.96 -23.00 -26.03
C HIS A 33 -42.42 -23.10 -24.60
N HIS A 34 -43.33 -23.21 -23.63
CA HIS A 34 -43.01 -23.24 -22.19
C HIS A 34 -42.02 -24.34 -21.82
N ASN A 35 -42.08 -25.52 -22.49
CA ASN A 35 -41.17 -26.63 -22.18
C ASN A 35 -39.71 -26.33 -22.48
N MET A 36 -39.43 -25.25 -23.23
CA MET A 36 -38.06 -24.87 -23.55
C MET A 36 -37.42 -24.07 -22.43
N VAL A 37 -38.23 -23.53 -21.52
CA VAL A 37 -37.77 -22.66 -20.44
C VAL A 37 -37.64 -23.44 -19.16
N TYR A 38 -36.46 -23.34 -18.53
CA TYR A 38 -36.29 -24.06 -17.26
C TYR A 38 -35.53 -23.20 -16.29
N ALA A 39 -35.61 -23.56 -14.99
CA ALA A 39 -34.84 -22.95 -13.91
C ALA A 39 -33.93 -24.00 -13.32
N THR A 40 -32.66 -23.61 -13.07
CA THR A 40 -31.68 -24.50 -12.43
C THR A 40 -32.10 -24.71 -10.99
N THR A 41 -31.76 -25.89 -10.41
CA THR A 41 -32.10 -26.21 -9.03
C THR A 41 -30.92 -26.94 -8.41
N SER A 42 -31.02 -27.18 -7.11
CA SER A 42 -30.01 -27.96 -6.39
C SER A 42 -29.91 -29.40 -6.94
N ARG A 43 -30.91 -29.88 -7.71
CA ARG A 43 -30.82 -31.22 -8.31
C ARG A 43 -29.63 -31.42 -9.27
N SER A 44 -29.11 -30.32 -9.87
CA SER A 44 -27.94 -30.41 -10.75
C SER A 44 -26.64 -29.94 -10.06
N ALA A 45 -26.67 -29.65 -8.76
CA ALA A 45 -25.48 -29.12 -8.06
C ALA A 45 -24.26 -30.02 -8.19
N SER A 46 -24.42 -31.37 -8.15
CA SER A 46 -23.27 -32.27 -8.26
C SER A 46 -22.58 -32.17 -9.61
N LEU A 47 -23.34 -31.87 -10.70
CA LEU A 47 -22.70 -31.67 -12.00
C LEU A 47 -21.81 -30.44 -11.95
N ARG A 48 -22.33 -29.36 -11.31
CA ARG A 48 -21.56 -28.12 -11.18
C ARG A 48 -20.34 -28.35 -10.29
N GLN A 49 -20.52 -29.09 -9.20
CA GLN A 49 -19.39 -29.39 -8.30
C GLN A 49 -18.25 -30.06 -9.04
N LYS A 50 -18.56 -31.02 -9.95
CA LYS A 50 -17.51 -31.67 -10.73
C LYS A 50 -16.75 -30.67 -11.61
N LYS A 51 -17.48 -29.75 -12.27
CA LYS A 51 -16.87 -28.79 -13.16
C LYS A 51 -15.96 -27.78 -12.43
N VAL A 52 -16.38 -27.30 -11.25
CA VAL A 52 -15.66 -26.26 -10.51
C VAL A 52 -14.51 -26.75 -9.66
N THR A 53 -14.38 -28.07 -9.52
CA THR A 53 -13.36 -28.70 -8.67
C THR A 53 -12.17 -29.18 -9.46
N PHE A 54 -11.01 -28.52 -9.26
CA PHE A 54 -9.77 -28.89 -9.98
C PHE A 54 -8.57 -28.31 -9.31
N ASP A 55 -7.41 -28.86 -9.62
CA ASP A 55 -6.17 -28.36 -9.07
C ASP A 55 -5.70 -27.18 -9.90
N ARG A 56 -5.18 -26.14 -9.25
CA ARG A 56 -4.65 -25.00 -9.97
C ARG A 56 -3.14 -25.07 -9.93
N LEU A 57 -2.53 -24.81 -11.04
CA LEU A 57 -1.09 -24.73 -11.19
C LEU A 57 -0.88 -23.30 -11.68
N GLN A 58 -0.21 -22.49 -10.90
CA GLN A 58 -0.01 -21.10 -11.29
C GLN A 58 1.46 -20.82 -11.32
N VAL A 59 1.92 -20.18 -12.38
CA VAL A 59 3.31 -19.80 -12.56
C VAL A 59 3.36 -18.34 -12.92
N LEU A 60 3.97 -17.53 -12.05
CA LEU A 60 4.08 -16.09 -12.26
C LEU A 60 5.43 -15.74 -12.86
N ASP A 61 5.49 -14.62 -13.57
CA ASP A 61 6.74 -14.20 -14.23
C ASP A 61 6.98 -12.71 -14.11
N ASP A 62 8.06 -12.19 -14.73
CA ASP A 62 8.36 -10.78 -14.63
C ASP A 62 7.28 -9.86 -15.19
N HIS A 63 6.61 -10.27 -16.28
CA HIS A 63 5.53 -9.43 -16.84
C HIS A 63 4.43 -9.25 -15.79
N TYR A 64 4.07 -10.33 -15.10
CA TYR A 64 3.04 -10.27 -14.06
C TYR A 64 3.47 -9.34 -12.92
N ARG A 65 4.71 -9.50 -12.45
CA ARG A 65 5.23 -8.66 -11.36
C ARG A 65 5.30 -7.18 -11.74
N ASP A 66 5.71 -6.88 -13.00
CA ASP A 66 5.79 -5.52 -13.49
C ASP A 66 4.41 -4.84 -13.51
N VAL A 67 3.40 -5.56 -14.08
CA VAL A 67 2.03 -5.03 -14.14
C VAL A 67 1.52 -4.79 -12.72
N LEU A 68 1.72 -5.76 -11.83
CA LEU A 68 1.26 -5.60 -10.47
C LEU A 68 1.84 -4.32 -9.81
N LYS A 69 3.16 -4.08 -9.94
CA LYS A 69 3.75 -2.88 -9.37
C LYS A 69 3.13 -1.59 -9.96
N GLU A 70 2.84 -1.59 -11.25
CA GLU A 70 2.19 -0.46 -11.91
C GLU A 70 0.78 -0.24 -11.34
N MET A 71 0.04 -1.35 -11.08
CA MET A 71 -1.31 -1.27 -10.53
C MET A 71 -1.26 -0.73 -9.12
N LYS A 72 -0.28 -1.24 -8.32
CA LYS A 72 -0.14 -0.79 -6.94
C LYS A 72 0.24 0.70 -6.87
N ALA A 73 1.08 1.19 -7.81
CA ALA A 73 1.43 2.62 -7.86
C ALA A 73 0.17 3.46 -8.06
N LYS A 74 -0.78 2.97 -8.89
CA LYS A 74 -2.05 3.70 -9.05
C LYS A 74 -2.95 3.59 -7.83
N ALA A 75 -2.99 2.38 -7.21
CA ALA A 75 -3.81 2.20 -6.01
C ALA A 75 -3.33 3.08 -4.87
N SER A 76 -2.01 3.38 -4.81
N SER A 76 -2.02 3.38 -4.79
CA SER A 76 -1.39 4.23 -3.78
CA SER A 76 -1.45 4.22 -3.73
C SER A 76 -1.95 5.67 -3.77
C SER A 76 -2.00 5.66 -3.74
N THR A 77 -2.76 6.05 -4.79
CA THR A 77 -3.36 7.41 -4.82
C THR A 77 -4.70 7.47 -4.09
N VAL A 78 -5.25 6.31 -3.73
CA VAL A 78 -6.58 6.25 -3.15
C VAL A 78 -6.61 6.45 -1.67
N LYS A 79 -7.63 7.18 -1.19
CA LYS A 79 -7.94 7.31 0.22
C LYS A 79 -9.36 6.78 0.39
N ALA A 80 -9.49 5.70 1.16
CA ALA A 80 -10.77 5.03 1.36
C ALA A 80 -11.30 5.30 2.76
N LYS A 81 -12.61 5.45 2.85
CA LYS A 81 -13.26 5.75 4.10
C LYS A 81 -13.91 4.52 4.68
N LEU A 82 -13.95 4.47 6.00
CA LEU A 82 -14.63 3.42 6.73
C LEU A 82 -16.10 3.88 6.77
N LEU A 83 -17.04 3.00 6.40
CA LEU A 83 -18.45 3.38 6.47
C LEU A 83 -18.90 3.19 7.91
N SER A 84 -19.85 4.03 8.37
CA SER A 84 -20.42 3.86 9.70
C SER A 84 -21.36 2.64 9.61
N ILE A 85 -21.75 2.08 10.76
CA ILE A 85 -22.74 0.98 10.83
C ILE A 85 -24.03 1.43 10.11
N GLU A 86 -24.54 2.66 10.36
CA GLU A 86 -25.75 3.14 9.70
C GLU A 86 -25.65 3.14 8.16
N GLU A 87 -24.53 3.63 7.62
CA GLU A 87 -24.29 3.65 6.15
C GLU A 87 -24.28 2.23 5.59
N ALA A 88 -23.61 1.29 6.32
CA ALA A 88 -23.53 -0.10 5.86
C ALA A 88 -24.88 -0.79 5.93
N CYS A 89 -25.69 -0.49 6.98
CA CYS A 89 -27.03 -1.06 7.13
C CYS A 89 -27.94 -0.61 5.98
N LYS A 90 -27.80 0.64 5.56
CA LYS A 90 -28.65 1.22 4.50
C LYS A 90 -28.33 0.63 3.14
N LEU A 91 -27.12 0.06 2.99
CA LEU A 91 -26.73 -0.60 1.74
C LEU A 91 -27.23 -2.05 1.70
N THR A 92 -27.86 -2.56 2.77
CA THR A 92 -28.31 -3.94 2.79
C THR A 92 -29.67 -4.08 2.07
N PRO A 93 -29.77 -4.99 1.08
CA PRO A 93 -31.09 -5.19 0.42
C PRO A 93 -32.16 -5.62 1.41
N PRO A 94 -33.38 -5.09 1.28
CA PRO A 94 -34.47 -5.47 2.19
C PRO A 94 -34.73 -6.98 2.30
N HIS A 95 -34.43 -7.75 1.25
CA HIS A 95 -34.67 -9.18 1.26
C HIS A 95 -33.40 -10.02 1.33
N SER A 96 -32.31 -9.41 1.79
CA SER A 96 -31.03 -10.10 1.96
C SER A 96 -31.24 -11.27 2.93
N ALA A 97 -30.51 -12.37 2.75
CA ALA A 97 -30.66 -13.57 3.58
C ALA A 97 -30.47 -13.22 5.07
N LYS A 98 -31.44 -13.61 5.91
CA LYS A 98 -31.38 -13.34 7.35
C LYS A 98 -30.13 -13.94 8.00
N SER A 99 -29.75 -13.40 9.14
CA SER A 99 -28.62 -13.96 9.88
C SER A 99 -29.07 -15.24 10.57
N LYS A 100 -28.13 -16.12 10.88
CA LYS A 100 -28.44 -17.30 11.68
C LYS A 100 -28.56 -16.90 13.15
N PHE A 101 -28.18 -15.65 13.49
CA PHE A 101 -28.15 -15.14 14.86
C PHE A 101 -29.35 -14.34 15.33
N GLY A 102 -30.51 -14.68 14.80
CA GLY A 102 -31.77 -14.12 15.28
C GLY A 102 -32.23 -12.78 14.78
N TYR A 103 -31.74 -12.32 13.61
CA TYR A 103 -32.19 -11.05 13.05
C TYR A 103 -32.08 -11.16 11.50
N GLY A 104 -32.80 -10.29 10.82
CA GLY A 104 -32.80 -10.29 9.36
C GLY A 104 -32.51 -8.94 8.76
N ALA A 105 -32.65 -8.86 7.44
CA ALA A 105 -32.34 -7.65 6.69
C ALA A 105 -33.23 -6.48 7.10
N LYS A 106 -34.52 -6.72 7.41
CA LYS A 106 -35.39 -5.63 7.87
C LYS A 106 -34.85 -5.02 9.19
N ASP A 107 -34.36 -5.89 10.10
CA ASP A 107 -33.79 -5.49 11.39
C ASP A 107 -32.52 -4.67 11.16
N VAL A 108 -31.66 -5.12 10.22
CA VAL A 108 -30.46 -4.37 9.84
C VAL A 108 -30.83 -2.97 9.32
N ARG A 109 -31.74 -2.90 8.34
CA ARG A 109 -32.15 -1.63 7.74
C ARG A 109 -32.81 -0.68 8.76
N ASN A 110 -33.49 -1.24 9.75
CA ASN A 110 -34.14 -0.45 10.81
C ASN A 110 -33.22 -0.12 11.97
N LEU A 111 -31.95 -0.59 11.91
CA LEU A 111 -30.95 -0.41 12.97
C LEU A 111 -31.48 -0.93 14.30
N SER A 112 -32.13 -2.11 14.29
CA SER A 112 -32.67 -2.73 15.50
C SER A 112 -31.51 -3.00 16.46
N SER A 113 -31.76 -2.90 17.78
CA SER A 113 -30.69 -3.13 18.74
C SER A 113 -30.01 -4.49 18.59
N ARG A 114 -30.77 -5.56 18.30
CA ARG A 114 -30.19 -6.89 18.13
C ARG A 114 -29.25 -6.91 16.92
N ALA A 115 -29.72 -6.38 15.79
CA ALA A 115 -28.88 -6.37 14.57
C ALA A 115 -27.58 -5.56 14.82
N VAL A 116 -27.73 -4.34 15.32
CA VAL A 116 -26.59 -3.45 15.59
C VAL A 116 -25.61 -4.08 16.60
N ASN A 117 -26.14 -4.64 17.71
CA ASN A 117 -25.27 -5.29 18.69
C ASN A 117 -24.46 -6.43 18.07
N HIS A 118 -25.10 -7.24 17.20
CA HIS A 118 -24.44 -8.38 16.58
C HIS A 118 -23.41 -7.92 15.58
N ILE A 119 -23.75 -6.89 14.76
CA ILE A 119 -22.82 -6.32 13.77
C ILE A 119 -21.59 -5.76 14.52
N ARG A 120 -21.80 -5.05 15.64
CA ARG A 120 -20.68 -4.52 16.43
C ARG A 120 -19.80 -5.64 16.94
N SER A 121 -20.40 -6.78 17.40
CA SER A 121 -19.59 -7.90 17.91
C SER A 121 -18.83 -8.58 16.77
N VAL A 122 -19.45 -8.69 15.58
CA VAL A 122 -18.72 -9.27 14.42
C VAL A 122 -17.52 -8.36 14.05
N TRP A 123 -17.73 -7.04 14.09
CA TRP A 123 -16.68 -6.07 13.73
C TRP A 123 -15.51 -6.19 14.69
N GLU A 124 -15.80 -6.18 15.99
CA GLU A 124 -14.75 -6.35 16.99
C GLU A 124 -14.00 -7.67 16.80
N ASP A 125 -14.70 -8.74 16.45
CA ASP A 125 -14.08 -10.05 16.22
C ASP A 125 -13.14 -10.01 15.00
N LEU A 126 -13.49 -9.25 13.96
CA LEU A 126 -12.58 -9.08 12.81
C LEU A 126 -11.31 -8.34 13.24
N LEU A 127 -11.46 -7.40 14.14
CA LEU A 127 -10.32 -6.60 14.61
C LEU A 127 -9.41 -7.43 15.52
N GLU A 128 -9.99 -8.34 16.30
CA GLU A 128 -9.24 -9.13 17.30
C GLU A 128 -8.69 -10.45 16.80
N ASP A 129 -9.44 -11.11 15.92
CA ASP A 129 -9.12 -12.45 15.46
C ASP A 129 -8.68 -12.42 14.00
N THR A 130 -7.42 -12.78 13.75
CA THR A 130 -6.89 -12.72 12.38
C THR A 130 -6.91 -14.06 11.68
N GLU A 131 -7.35 -15.10 12.37
CA GLU A 131 -7.16 -16.45 11.85
C GLU A 131 -8.34 -17.39 11.67
N THR A 132 -9.33 -17.36 12.58
CA THR A 132 -10.43 -18.35 12.58
C THR A 132 -11.18 -18.33 11.25
N PRO A 133 -11.24 -19.43 10.48
CA PRO A 133 -11.99 -19.37 9.22
C PRO A 133 -13.44 -19.00 9.49
N ILE A 134 -13.97 -18.10 8.66
CA ILE A 134 -15.36 -17.66 8.76
C ILE A 134 -16.25 -18.64 8.01
N ASP A 135 -17.32 -19.06 8.65
CA ASP A 135 -18.24 -19.99 8.00
C ASP A 135 -18.91 -19.34 6.77
N THR A 136 -19.22 -20.18 5.77
CA THR A 136 -19.98 -19.72 4.61
C THR A 136 -21.06 -20.73 4.30
N THR A 137 -22.14 -20.27 3.68
CA THR A 137 -23.19 -21.18 3.24
C THR A 137 -22.98 -21.35 1.76
N ILE A 138 -23.17 -22.59 1.27
CA ILE A 138 -23.15 -22.89 -0.16
C ILE A 138 -24.55 -23.29 -0.60
N MET A 139 -25.02 -22.69 -1.71
CA MET A 139 -26.37 -22.92 -2.22
C MET A 139 -26.31 -23.02 -3.74
N ALA A 140 -27.26 -23.75 -4.34
CA ALA A 140 -27.35 -23.77 -5.79
C ALA A 140 -28.20 -22.55 -6.17
N LYS A 141 -27.77 -21.79 -7.17
CA LYS A 141 -28.47 -20.59 -7.64
C LYS A 141 -29.63 -21.04 -8.56
N SER A 142 -30.77 -20.36 -8.43
CA SER A 142 -31.93 -20.65 -9.27
C SER A 142 -31.89 -19.60 -10.41
N GLU A 143 -31.53 -20.01 -11.62
CA GLU A 143 -31.47 -19.10 -12.79
C GLU A 143 -32.24 -19.72 -13.93
N VAL A 144 -32.87 -18.88 -14.74
CA VAL A 144 -33.72 -19.35 -15.85
C VAL A 144 -33.00 -19.23 -17.19
N PHE A 145 -33.14 -20.30 -18.00
CA PHE A 145 -32.57 -20.35 -19.32
C PHE A 145 -33.51 -21.02 -20.31
N CYS A 146 -33.13 -20.96 -21.58
CA CYS A 146 -33.82 -21.68 -22.66
C CYS A 146 -32.93 -22.90 -22.97
N VAL A 147 -33.55 -24.06 -23.21
CA VAL A 147 -32.82 -25.30 -23.56
C VAL A 147 -31.90 -25.07 -24.77
N GLN A 148 -30.74 -25.76 -24.77
CA GLN A 148 -29.70 -25.76 -25.83
C GLN A 148 -29.24 -24.36 -26.26
N ARG A 154 -29.05 -29.08 -20.73
CA ARG A 154 -29.33 -28.06 -19.71
C ARG A 154 -28.11 -27.72 -18.91
N LYS A 155 -28.00 -26.44 -18.53
CA LYS A 155 -26.88 -25.97 -17.73
C LYS A 155 -27.12 -26.38 -16.29
N PRO A 156 -26.10 -26.88 -15.58
CA PRO A 156 -26.28 -27.15 -14.15
C PRO A 156 -26.30 -25.83 -13.37
N ALA A 157 -26.88 -25.86 -12.17
CA ALA A 157 -26.96 -24.69 -11.31
C ALA A 157 -25.62 -24.14 -11.00
N ARG A 158 -25.51 -22.81 -10.93
CA ARG A 158 -24.28 -22.21 -10.46
C ARG A 158 -24.31 -22.29 -8.93
N LEU A 159 -23.15 -22.23 -8.28
CA LEU A 159 -23.10 -22.30 -6.82
C LEU A 159 -22.76 -20.93 -6.26
N ILE A 160 -23.45 -20.55 -5.20
CA ILE A 160 -23.16 -19.28 -4.55
C ILE A 160 -22.66 -19.61 -3.14
N VAL A 161 -21.61 -18.91 -2.72
CA VAL A 161 -20.96 -19.12 -1.42
C VAL A 161 -20.97 -17.75 -0.73
N PHE A 162 -21.55 -17.65 0.47
CA PHE A 162 -21.66 -16.36 1.15
C PHE A 162 -21.61 -16.49 2.66
N PRO A 163 -21.04 -15.48 3.34
CA PRO A 163 -21.00 -15.50 4.81
C PRO A 163 -22.32 -14.95 5.36
N ASP A 164 -22.48 -15.06 6.70
CA ASP A 164 -23.64 -14.56 7.41
C ASP A 164 -23.83 -13.06 7.23
N LEU A 165 -25.09 -12.61 7.34
CA LEU A 165 -25.52 -11.22 7.26
C LEU A 165 -24.64 -10.27 8.09
N GLY A 166 -24.29 -10.64 9.31
CA GLY A 166 -23.47 -9.77 10.17
C GLY A 166 -22.13 -9.50 9.53
N VAL A 167 -21.52 -10.55 8.97
CA VAL A 167 -20.23 -10.41 8.27
C VAL A 167 -20.40 -9.49 7.02
N ARG A 168 -21.49 -9.70 6.25
CA ARG A 168 -21.67 -8.89 5.03
C ARG A 168 -21.78 -7.40 5.37
N VAL A 169 -22.45 -7.07 6.49
CA VAL A 169 -22.51 -5.65 6.89
C VAL A 169 -21.08 -5.12 7.20
N CYS A 170 -20.27 -5.95 7.89
CA CYS A 170 -18.89 -5.58 8.21
C CYS A 170 -18.05 -5.43 6.97
N GLU A 171 -18.26 -6.31 5.97
CA GLU A 171 -17.50 -6.14 4.74
C GLU A 171 -17.78 -4.75 4.15
N LYS A 172 -19.04 -4.30 4.18
CA LYS A 172 -19.35 -2.97 3.63
C LYS A 172 -18.61 -1.89 4.41
N MET A 173 -18.61 -1.99 5.74
CA MET A 173 -17.90 -1.00 6.55
C MET A 173 -16.44 -0.90 6.17
N ALA A 174 -15.75 -2.05 6.03
CA ALA A 174 -14.33 -1.99 5.73
C ALA A 174 -14.01 -1.67 4.27
N LEU A 175 -14.83 -2.20 3.35
CA LEU A 175 -14.49 -2.26 1.95
C LEU A 175 -15.40 -1.63 0.92
N TYR A 176 -16.58 -1.12 1.29
CA TYR A 176 -17.46 -0.58 0.27
C TYR A 176 -16.78 0.57 -0.46
N ASP A 177 -16.16 1.49 0.29
CA ASP A 177 -15.49 2.61 -0.40
C ASP A 177 -14.32 2.15 -1.23
N VAL A 178 -13.57 1.13 -0.77
CA VAL A 178 -12.44 0.61 -1.54
C VAL A 178 -12.93 0.01 -2.86
N VAL A 179 -13.92 -0.90 -2.80
CA VAL A 179 -14.37 -1.56 -4.02
C VAL A 179 -15.08 -0.63 -4.99
N SER A 180 -15.55 0.53 -4.47
CA SER A 180 -16.26 1.49 -5.29
C SER A 180 -15.32 2.44 -5.98
N THR A 181 -14.15 2.72 -5.38
CA THR A 181 -13.26 3.78 -5.92
C THR A 181 -11.96 3.25 -6.48
N LEU A 182 -11.39 2.24 -5.83
CA LEU A 182 -10.09 1.71 -6.25
C LEU A 182 -10.04 1.15 -7.69
N PRO A 183 -11.03 0.40 -8.19
CA PRO A 183 -10.87 -0.15 -9.55
C PRO A 183 -10.65 0.92 -10.63
N GLN A 184 -11.39 2.04 -10.61
CA GLN A 184 -11.19 3.07 -11.65
C GLN A 184 -9.83 3.74 -11.45
N ALA A 185 -9.40 3.89 -10.18
CA ALA A 185 -8.09 4.49 -9.94
C ALA A 185 -6.96 3.67 -10.53
N VAL A 186 -7.10 2.34 -10.44
CA VAL A 186 -6.08 1.42 -10.92
C VAL A 186 -6.15 1.20 -12.41
N MET A 187 -7.35 0.94 -12.92
CA MET A 187 -7.51 0.51 -14.32
C MET A 187 -7.93 1.60 -15.31
N GLY A 188 -8.27 2.77 -14.79
CA GLY A 188 -8.63 3.89 -15.64
C GLY A 188 -9.78 3.57 -16.56
N SER A 189 -9.63 3.99 -17.82
CA SER A 189 -10.67 3.80 -18.84
C SER A 189 -11.00 2.31 -19.12
N SER A 190 -10.11 1.37 -18.69
CA SER A 190 -10.35 -0.06 -18.88
C SER A 190 -11.40 -0.62 -17.94
N TYR A 191 -11.72 0.09 -16.86
CA TYR A 191 -12.68 -0.44 -15.88
C TYR A 191 -14.11 -0.32 -16.44
N GLY A 192 -14.72 -1.45 -16.78
CA GLY A 192 -16.03 -1.42 -17.46
C GLY A 192 -17.21 -0.85 -16.72
N PHE A 193 -17.21 -1.02 -15.39
CA PHE A 193 -18.37 -0.62 -14.61
C PHE A 193 -18.55 0.87 -14.44
N GLN A 194 -17.63 1.70 -14.93
CA GLN A 194 -17.81 3.15 -14.80
C GLN A 194 -18.70 3.70 -15.90
N TYR A 195 -19.09 2.84 -16.87
CA TYR A 195 -19.84 3.27 -18.04
C TYR A 195 -21.30 2.90 -18.05
N SER A 196 -22.14 3.85 -18.47
CA SER A 196 -23.53 3.57 -18.79
C SER A 196 -23.46 2.79 -20.13
N PRO A 197 -24.56 2.17 -20.63
CA PRO A 197 -24.45 1.48 -21.92
C PRO A 197 -23.99 2.43 -23.06
N LYS A 198 -24.47 3.69 -23.09
CA LYS A 198 -24.10 4.65 -24.17
C LYS A 198 -22.59 4.97 -24.07
N GLN A 199 -22.08 5.09 -22.84
CA GLN A 199 -20.65 5.36 -22.65
C GLN A 199 -19.82 4.12 -23.00
N ARG A 200 -20.35 2.91 -22.76
CA ARG A 200 -19.61 1.69 -23.08
C ARG A 200 -19.50 1.55 -24.59
N VAL A 201 -20.61 1.83 -25.31
CA VAL A 201 -20.54 1.74 -26.76
C VAL A 201 -19.60 2.82 -27.32
N GLU A 202 -19.62 4.03 -26.73
CA GLU A 202 -18.73 5.13 -27.14
C GLU A 202 -17.27 4.71 -26.95
N PHE A 203 -16.96 4.10 -25.79
CA PHE A 203 -15.60 3.66 -25.50
C PHE A 203 -15.15 2.59 -26.50
N LEU A 204 -16.01 1.59 -26.79
CA LEU A 204 -15.66 0.54 -27.75
C LEU A 204 -15.42 1.09 -29.14
N VAL A 205 -16.38 1.92 -29.64
CA VAL A 205 -16.28 2.48 -31.00
C VAL A 205 -15.03 3.39 -31.09
N ASN A 206 -14.83 4.29 -30.09
CA ASN A 206 -13.66 5.19 -30.09
C ASN A 206 -12.35 4.42 -30.02
N THR A 207 -12.32 3.36 -29.19
CA THR A 207 -11.11 2.55 -29.07
C THR A 207 -10.81 1.84 -30.39
N TRP A 208 -11.84 1.26 -31.02
CA TRP A 208 -11.72 0.53 -32.29
C TRP A 208 -11.20 1.46 -33.39
N LYS A 209 -11.81 2.64 -33.47
CA LYS A 209 -11.47 3.65 -34.46
C LYS A 209 -10.10 4.28 -34.21
N SER A 210 -9.58 4.23 -32.94
CA SER A 210 -8.28 4.83 -32.56
C SER A 210 -7.08 4.06 -33.11
N LYS A 211 -7.28 2.79 -33.49
CA LYS A 211 -6.23 1.93 -34.02
C LYS A 211 -6.08 2.15 -35.53
N LYS A 212 -4.83 2.10 -36.03
CA LYS A 212 -4.55 2.24 -37.48
C LYS A 212 -5.16 1.04 -38.23
N CYS A 213 -5.02 -0.17 -37.65
CA CYS A 213 -5.54 -1.42 -38.19
C CYS A 213 -6.00 -2.27 -36.98
N PRO A 214 -7.24 -2.09 -36.50
CA PRO A 214 -7.66 -2.80 -35.29
C PRO A 214 -7.89 -4.30 -35.41
N MET A 215 -7.65 -5.00 -34.30
CA MET A 215 -7.97 -6.40 -34.12
C MET A 215 -8.49 -6.43 -32.70
N GLY A 216 -9.52 -7.24 -32.48
CA GLY A 216 -10.08 -7.38 -31.15
C GLY A 216 -10.47 -8.80 -30.85
N PHE A 217 -10.56 -9.11 -29.56
CA PHE A 217 -11.01 -10.44 -29.20
C PHE A 217 -11.57 -10.41 -27.81
N SER A 218 -12.51 -11.31 -27.53
CA SER A 218 -13.05 -11.51 -26.19
C SER A 218 -12.27 -12.71 -25.62
N TYR A 219 -12.05 -12.73 -24.30
CA TYR A 219 -11.36 -13.88 -23.70
C TYR A 219 -12.23 -14.44 -22.59
N ASP A 220 -12.66 -15.69 -22.77
CA ASP A 220 -13.55 -16.39 -21.84
C ASP A 220 -12.75 -17.32 -20.97
N THR A 221 -12.65 -17.02 -19.66
CA THR A 221 -11.93 -17.94 -18.76
C THR A 221 -12.94 -18.99 -18.32
N ARG A 222 -12.53 -20.26 -18.33
CA ARG A 222 -13.42 -21.31 -17.85
C ARG A 222 -13.49 -21.28 -16.30
N CYS A 223 -14.71 -21.25 -15.73
CA CYS A 223 -15.00 -21.28 -14.28
C CYS A 223 -14.08 -20.29 -13.55
N PHE A 224 -14.10 -19.00 -13.93
CA PHE A 224 -13.15 -18.02 -13.37
C PHE A 224 -12.98 -18.06 -11.85
N ASP A 225 -14.08 -18.11 -11.08
CA ASP A 225 -13.92 -18.06 -9.62
C ASP A 225 -13.07 -19.21 -9.13
N SER A 226 -13.22 -20.36 -9.78
CA SER A 226 -12.40 -21.52 -9.37
C SER A 226 -10.93 -21.39 -9.73
N THR A 227 -10.59 -20.59 -10.77
CA THR A 227 -9.22 -20.40 -11.21
C THR A 227 -8.47 -19.41 -10.32
N VAL A 228 -9.20 -18.64 -9.48
CA VAL A 228 -8.61 -17.66 -8.60
C VAL A 228 -7.92 -18.39 -7.44
N THR A 229 -6.63 -18.14 -7.29
CA THR A 229 -5.80 -18.85 -6.28
C THR A 229 -5.70 -18.08 -4.98
N GLU A 230 -5.18 -18.73 -3.97
CA GLU A 230 -4.93 -18.01 -2.70
C GLU A 230 -3.92 -16.86 -2.94
N SER A 231 -2.89 -17.09 -3.80
CA SER A 231 -1.93 -16.05 -4.17
C SER A 231 -2.68 -14.87 -4.84
N ASP A 232 -3.61 -15.15 -5.75
CA ASP A 232 -4.34 -14.06 -6.44
C ASP A 232 -5.10 -13.21 -5.40
N ILE A 233 -5.70 -13.85 -4.41
CA ILE A 233 -6.50 -13.14 -3.41
C ILE A 233 -5.60 -12.30 -2.47
N ARG A 234 -4.41 -12.81 -2.15
CA ARG A 234 -3.44 -12.05 -1.34
C ARG A 234 -2.85 -10.92 -2.16
N VAL A 235 -2.67 -11.15 -3.49
CA VAL A 235 -2.20 -10.07 -4.37
C VAL A 235 -3.24 -8.96 -4.41
N GLU A 236 -4.52 -9.36 -4.51
CA GLU A 236 -5.63 -8.41 -4.53
C GLU A 236 -5.60 -7.65 -3.20
N GLU A 237 -5.41 -8.32 -2.05
CA GLU A 237 -5.29 -7.59 -0.78
C GLU A 237 -4.09 -6.60 -0.80
N SER A 238 -2.95 -6.99 -1.40
CA SER A 238 -1.76 -6.11 -1.47
C SER A 238 -2.11 -4.80 -2.21
N ILE A 239 -3.05 -4.88 -3.18
CA ILE A 239 -3.50 -3.69 -3.88
C ILE A 239 -4.39 -2.84 -2.94
N TYR A 240 -5.36 -3.48 -2.23
CA TYR A 240 -6.22 -2.72 -1.30
C TYR A 240 -5.40 -2.05 -0.22
N GLN A 241 -4.33 -2.71 0.23
CA GLN A 241 -3.52 -2.19 1.32
C GLN A 241 -2.71 -0.93 0.92
N CYS A 242 -2.62 -0.60 -0.38
CA CYS A 242 -1.95 0.63 -0.85
C CYS A 242 -2.84 1.83 -0.59
N CYS A 243 -4.13 1.63 -0.30
CA CYS A 243 -5.02 2.75 0.01
C CYS A 243 -4.61 3.38 1.33
N ASP A 244 -4.98 4.65 1.50
CA ASP A 244 -4.89 5.27 2.82
C ASP A 244 -6.17 4.70 3.48
N LEU A 245 -6.00 4.08 4.65
CA LEU A 245 -7.10 3.41 5.36
C LEU A 245 -7.05 3.73 6.84
N ALA A 246 -8.24 3.74 7.45
CA ALA A 246 -8.37 3.86 8.90
C ALA A 246 -7.71 2.57 9.45
N PRO A 247 -7.05 2.63 10.61
CA PRO A 247 -6.42 1.41 11.14
C PRO A 247 -7.39 0.24 11.30
N GLU A 248 -8.64 0.48 11.75
CA GLU A 248 -9.61 -0.62 11.90
C GLU A 248 -9.94 -1.21 10.54
N ALA A 249 -10.00 -0.35 9.48
CA ALA A 249 -10.27 -0.85 8.14
C ALA A 249 -9.10 -1.72 7.68
N ARG A 250 -7.83 -1.31 7.96
CA ARG A 250 -6.67 -2.12 7.56
C ARG A 250 -6.72 -3.50 8.21
N GLN A 251 -7.04 -3.54 9.52
CA GLN A 251 -7.13 -4.83 10.20
C GLN A 251 -8.31 -5.64 9.69
N ALA A 252 -9.48 -5.00 9.50
CA ALA A 252 -10.62 -5.76 9.00
C ALA A 252 -10.32 -6.39 7.61
N ILE A 253 -9.63 -5.65 6.73
CA ILE A 253 -9.29 -6.15 5.40
C ILE A 253 -8.32 -7.32 5.52
N ARG A 254 -7.30 -7.18 6.40
CA ARG A 254 -6.34 -8.23 6.65
C ARG A 254 -7.09 -9.51 7.16
N SER A 255 -7.93 -9.33 8.18
CA SER A 255 -8.69 -10.43 8.80
C SER A 255 -9.67 -11.07 7.80
N LEU A 256 -10.39 -10.24 7.03
CA LEU A 256 -11.35 -10.74 6.04
C LEU A 256 -10.61 -11.52 4.96
N THR A 257 -9.42 -11.04 4.53
CA THR A 257 -8.64 -11.75 3.52
C THR A 257 -8.27 -13.15 4.02
N GLU A 258 -7.71 -13.23 5.22
CA GLU A 258 -7.26 -14.53 5.73
C GLU A 258 -8.38 -15.48 6.14
N ARG A 259 -9.45 -14.93 6.71
CA ARG A 259 -10.52 -15.74 7.28
C ARG A 259 -11.66 -16.04 6.32
N LEU A 260 -11.77 -15.25 5.24
CA LEU A 260 -12.92 -15.40 4.35
C LEU A 260 -12.54 -15.43 2.89
N TYR A 261 -11.82 -14.38 2.44
CA TYR A 261 -11.61 -14.26 1.00
C TYR A 261 -10.74 -15.37 0.40
N ILE A 262 -9.67 -15.77 1.10
CA ILE A 262 -8.79 -16.81 0.52
C ILE A 262 -9.43 -18.19 0.51
N GLY A 263 -10.43 -18.39 1.35
CA GLY A 263 -11.04 -19.71 1.47
C GLY A 263 -11.70 -19.92 2.80
N GLY A 264 -12.25 -21.12 2.98
CA GLY A 264 -12.92 -21.41 4.23
C GLY A 264 -13.89 -22.56 4.12
N PRO A 265 -14.48 -22.93 5.27
CA PRO A 265 -15.41 -24.07 5.27
C PRO A 265 -16.71 -23.70 4.62
N LEU A 266 -17.35 -24.72 4.04
CA LEU A 266 -18.63 -24.62 3.35
C LEU A 266 -19.66 -25.39 4.14
N THR A 267 -20.81 -24.76 4.41
CA THR A 267 -21.91 -25.37 5.15
C THR A 267 -23.16 -25.36 4.26
N ASN A 268 -23.93 -26.47 4.21
CA ASN A 268 -25.16 -26.44 3.43
C ASN A 268 -26.31 -25.80 4.21
N SER A 269 -27.51 -25.68 3.58
CA SER A 269 -28.66 -25.03 4.19
C SER A 269 -29.16 -25.78 5.43
N LYS A 270 -28.77 -27.07 5.57
CA LYS A 270 -29.14 -27.93 6.71
C LYS A 270 -28.15 -27.80 7.88
N GLY A 271 -27.11 -26.99 7.70
CA GLY A 271 -26.10 -26.79 8.72
C GLY A 271 -25.01 -27.83 8.72
N GLN A 272 -24.95 -28.68 7.69
CA GLN A 272 -23.95 -29.72 7.58
C GLN A 272 -22.70 -29.22 6.91
N ASN A 273 -21.54 -29.66 7.41
CA ASN A 273 -20.22 -29.34 6.84
C ASN A 273 -20.17 -30.02 5.46
N CYS A 274 -19.99 -29.20 4.43
N CYS A 274 -19.99 -29.21 4.39
CA CYS A 274 -20.05 -29.57 3.01
CA CYS A 274 -19.98 -29.65 2.99
C CYS A 274 -18.68 -29.73 2.34
C CYS A 274 -18.62 -29.80 2.38
N GLY A 275 -17.69 -28.97 2.81
CA GLY A 275 -16.37 -29.01 2.21
C GLY A 275 -15.58 -27.79 2.55
N TYR A 276 -14.59 -27.52 1.72
CA TYR A 276 -13.68 -26.42 1.93
C TYR A 276 -13.34 -25.77 0.64
N ARG A 277 -13.35 -24.41 0.65
CA ARG A 277 -13.07 -23.64 -0.57
C ARG A 277 -11.67 -23.03 -0.47
N ARG A 278 -10.94 -23.01 -1.59
CA ARG A 278 -9.62 -22.38 -1.70
C ARG A 278 -9.54 -21.51 -2.96
N CYS A 279 -10.66 -20.88 -3.29
CA CYS A 279 -10.78 -20.04 -4.47
C CYS A 279 -11.75 -18.92 -4.15
N ARG A 280 -12.06 -18.10 -5.15
CA ARG A 280 -12.98 -16.97 -4.97
C ARG A 280 -14.38 -17.45 -4.54
N ALA A 281 -14.95 -16.82 -3.52
CA ALA A 281 -16.34 -16.98 -3.10
C ALA A 281 -17.20 -16.06 -4.02
N SER A 282 -18.31 -16.57 -4.59
CA SER A 282 -19.10 -15.72 -5.48
C SER A 282 -19.94 -14.68 -4.76
N GLY A 283 -20.19 -14.87 -3.47
CA GLY A 283 -21.07 -14.02 -2.68
C GLY A 283 -20.43 -13.18 -1.59
N VAL A 284 -19.33 -12.50 -1.94
CA VAL A 284 -18.71 -11.57 -0.98
C VAL A 284 -18.58 -10.20 -1.64
N LEU A 285 -18.34 -9.16 -0.82
CA LEU A 285 -18.34 -7.82 -1.41
C LEU A 285 -17.23 -7.60 -2.43
N THR A 286 -16.09 -8.27 -2.22
CA THR A 286 -14.93 -8.10 -3.08
C THR A 286 -14.97 -8.98 -4.34
N THR A 287 -16.01 -9.77 -4.56
CA THR A 287 -15.99 -10.66 -5.76
C THR A 287 -15.79 -9.87 -7.08
N SER A 288 -16.61 -8.84 -7.32
CA SER A 288 -16.52 -8.09 -8.58
C SER A 288 -15.18 -7.37 -8.74
N CYS A 289 -14.83 -6.60 -7.73
CA CYS A 289 -13.58 -5.83 -7.74
C CYS A 289 -12.38 -6.77 -7.86
N GLY A 290 -12.35 -7.80 -7.03
CA GLY A 290 -11.27 -8.79 -7.04
C GLY A 290 -11.14 -9.46 -8.38
N ASN A 291 -12.27 -9.89 -8.95
CA ASN A 291 -12.22 -10.58 -10.24
C ASN A 291 -11.74 -9.62 -11.31
N THR A 292 -12.24 -8.36 -11.27
CA THR A 292 -11.86 -7.37 -12.28
C THR A 292 -10.35 -7.10 -12.21
N LEU A 293 -9.83 -6.86 -11.01
CA LEU A 293 -8.39 -6.59 -10.84
C LEU A 293 -7.56 -7.79 -11.29
N THR A 294 -7.98 -9.01 -10.91
CA THR A 294 -7.24 -10.23 -11.23
C THR A 294 -7.22 -10.47 -12.72
N CYS A 295 -8.37 -10.31 -13.37
CA CYS A 295 -8.48 -10.48 -14.81
C CYS A 295 -7.63 -9.43 -15.56
N TYR A 296 -7.72 -8.17 -15.15
CA TYR A 296 -6.94 -7.09 -15.72
C TYR A 296 -5.45 -7.36 -15.57
N LEU A 297 -5.01 -7.75 -14.36
CA LEU A 297 -3.59 -7.99 -14.11
C LEU A 297 -3.08 -9.13 -15.01
N LYS A 298 -3.75 -10.28 -14.99
CA LYS A 298 -3.35 -11.45 -15.81
C LYS A 298 -3.36 -11.12 -17.30
N ALA A 299 -4.42 -10.45 -17.78
CA ALA A 299 -4.53 -10.10 -19.20
C ALA A 299 -3.49 -9.07 -19.61
N THR A 300 -3.26 -8.04 -18.77
CA THR A 300 -2.26 -7.01 -19.09
C THR A 300 -0.87 -7.61 -19.22
N ALA A 301 -0.55 -8.49 -18.28
CA ALA A 301 0.73 -9.19 -18.28
C ALA A 301 0.80 -10.14 -19.49
N ALA A 302 -0.31 -10.84 -19.80
CA ALA A 302 -0.39 -11.77 -20.93
C ALA A 302 -0.21 -11.06 -22.30
N CYS A 303 -0.75 -9.84 -22.43
N CYS A 303 -0.75 -9.83 -22.44
N CYS A 303 -0.73 -9.83 -22.46
CA CYS A 303 -0.61 -8.98 -23.60
CA CYS A 303 -0.57 -8.98 -23.63
CA CYS A 303 -0.56 -9.05 -23.69
C CYS A 303 0.88 -8.69 -23.86
C CYS A 303 0.92 -8.79 -23.86
C CYS A 303 0.92 -8.66 -23.90
N ARG A 304 1.66 -8.46 -22.78
CA ARG A 304 3.09 -8.18 -22.82
C ARG A 304 3.87 -9.44 -23.22
N ALA A 305 3.52 -10.59 -22.62
CA ALA A 305 4.15 -11.88 -22.96
C ALA A 305 3.91 -12.21 -24.45
N ALA A 306 2.69 -11.93 -24.95
CA ALA A 306 2.28 -12.19 -26.33
C ALA A 306 2.80 -11.20 -27.36
N LYS A 307 3.32 -10.04 -26.91
CA LYS A 307 3.81 -8.95 -27.75
C LYS A 307 2.66 -8.34 -28.58
N LEU A 308 1.43 -8.34 -27.99
CA LEU A 308 0.29 -7.70 -28.63
C LEU A 308 0.55 -6.20 -28.54
N GLN A 309 0.35 -5.47 -29.65
CA GLN A 309 0.68 -4.06 -29.79
C GLN A 309 -0.49 -3.12 -29.50
N ASP A 310 -0.21 -2.01 -28.78
CA ASP A 310 -1.16 -0.94 -28.45
C ASP A 310 -2.50 -1.53 -27.91
N CYS A 311 -2.41 -2.41 -26.91
CA CYS A 311 -3.57 -3.08 -26.31
C CYS A 311 -4.45 -2.13 -25.49
N THR A 312 -5.77 -2.20 -25.69
CA THR A 312 -6.73 -1.48 -24.86
C THR A 312 -7.68 -2.53 -24.38
N MET A 313 -7.81 -2.66 -23.08
CA MET A 313 -8.68 -3.66 -22.47
C MET A 313 -9.95 -3.00 -21.95
N LEU A 314 -11.02 -3.79 -21.89
CA LEU A 314 -12.25 -3.34 -21.23
C LEU A 314 -12.62 -4.56 -20.40
N VAL A 315 -12.62 -4.39 -19.09
CA VAL A 315 -12.83 -5.49 -18.15
C VAL A 315 -13.99 -5.24 -17.22
N ASN A 316 -14.84 -6.26 -17.01
CA ASN A 316 -15.95 -6.22 -16.06
C ASN A 316 -15.94 -7.61 -15.38
N GLY A 317 -15.39 -7.72 -14.16
CA GLY A 317 -15.30 -9.03 -13.50
C GLY A 317 -14.41 -9.93 -14.35
N ASP A 318 -14.91 -11.12 -14.68
CA ASP A 318 -14.19 -12.07 -15.54
C ASP A 318 -14.39 -11.82 -17.03
N ASP A 319 -15.18 -10.82 -17.39
CA ASP A 319 -15.43 -10.58 -18.82
C ASP A 319 -14.40 -9.62 -19.34
N LEU A 320 -13.69 -10.05 -20.39
CA LEU A 320 -12.57 -9.30 -20.95
C LEU A 320 -12.69 -9.15 -22.46
N VAL A 321 -12.45 -7.94 -22.92
CA VAL A 321 -12.33 -7.66 -24.36
C VAL A 321 -11.04 -6.87 -24.55
N VAL A 322 -10.27 -7.22 -25.57
CA VAL A 322 -9.00 -6.56 -25.86
C VAL A 322 -9.08 -6.03 -27.27
N ILE A 323 -8.70 -4.74 -27.47
CA ILE A 323 -8.63 -4.14 -28.80
C ILE A 323 -7.19 -3.69 -28.97
N CYS A 324 -6.53 -4.17 -30.04
CA CYS A 324 -5.13 -3.84 -30.23
C CYS A 324 -4.84 -3.48 -31.68
N GLU A 325 -3.58 -3.18 -31.95
CA GLU A 325 -3.06 -2.85 -33.27
C GLU A 325 -2.68 -4.17 -33.94
N SER A 326 -3.29 -4.48 -35.10
CA SER A 326 -2.99 -5.72 -35.83
C SER A 326 -1.54 -5.72 -36.36
N ALA A 327 -0.93 -6.90 -36.45
CA ALA A 327 0.42 -7.08 -37.00
C ALA A 327 0.33 -7.99 -38.25
N GLY A 328 -0.90 -8.21 -38.73
CA GLY A 328 -1.23 -9.09 -39.83
C GLY A 328 -1.93 -10.32 -39.27
N THR A 329 -2.79 -10.98 -40.07
CA THR A 329 -3.56 -12.16 -39.60
C THR A 329 -2.76 -13.31 -39.02
N GLN A 330 -1.60 -13.64 -39.62
CA GLN A 330 -0.80 -14.76 -39.14
C GLN A 330 -0.11 -14.42 -37.83
N GLU A 331 0.44 -13.20 -37.73
CA GLU A 331 1.13 -12.67 -36.55
C GLU A 331 0.11 -12.56 -35.40
N ASP A 332 -1.11 -12.04 -35.69
CA ASP A 332 -2.19 -11.92 -34.68
C ASP A 332 -2.62 -13.29 -34.17
N ALA A 333 -2.77 -14.28 -35.08
CA ALA A 333 -3.17 -15.64 -34.76
C ALA A 333 -2.17 -16.26 -33.78
N ALA A 334 -0.86 -16.04 -34.03
CA ALA A 334 0.25 -16.56 -33.21
C ALA A 334 0.31 -15.81 -31.86
N ALA A 335 0.15 -14.48 -31.89
CA ALA A 335 0.18 -13.65 -30.68
C ALA A 335 -0.99 -14.02 -29.76
N LEU A 336 -2.16 -14.32 -30.33
CA LEU A 336 -3.33 -14.71 -29.52
C LEU A 336 -3.13 -16.07 -28.85
N ARG A 337 -2.48 -17.02 -29.56
CA ARG A 337 -2.13 -18.32 -28.97
C ARG A 337 -1.15 -18.10 -27.80
N ALA A 338 -0.18 -17.16 -27.96
CA ALA A 338 0.82 -16.81 -26.93
C ALA A 338 0.12 -16.11 -25.73
N PHE A 339 -0.90 -15.28 -26.01
CA PHE A 339 -1.67 -14.63 -24.95
C PHE A 339 -2.39 -15.73 -24.12
N THR A 340 -3.04 -16.67 -24.78
CA THR A 340 -3.77 -17.79 -24.14
C THR A 340 -2.79 -18.64 -23.32
N GLU A 341 -1.60 -18.90 -23.87
CA GLU A 341 -0.59 -19.69 -23.15
C GLU A 341 -0.18 -18.98 -21.85
N ALA A 342 0.04 -17.66 -21.89
CA ALA A 342 0.40 -16.85 -20.71
C ALA A 342 -0.76 -16.83 -19.73
N MET A 343 -2.01 -16.59 -20.21
CA MET A 343 -3.18 -16.63 -19.31
C MET A 343 -3.28 -18.01 -18.60
N THR A 344 -3.05 -19.11 -19.33
CA THR A 344 -3.09 -20.45 -18.74
C THR A 344 -2.04 -20.61 -17.63
N ARG A 345 -0.81 -20.12 -17.87
CA ARG A 345 0.28 -20.19 -16.88
C ARG A 345 -0.17 -19.42 -15.63
N TYR A 346 -0.88 -18.28 -15.85
CA TYR A 346 -1.40 -17.47 -14.74
C TYR A 346 -2.63 -18.06 -14.06
N SER A 347 -3.12 -19.25 -14.48
CA SER A 347 -4.31 -19.92 -13.93
C SER A 347 -5.57 -19.14 -14.36
N ALA A 348 -5.71 -18.91 -15.67
CA ALA A 348 -6.90 -18.34 -16.27
C ALA A 348 -6.98 -19.00 -17.67
N PRO A 349 -7.13 -20.36 -17.72
CA PRO A 349 -7.20 -21.03 -19.03
C PRO A 349 -8.50 -20.68 -19.75
N PRO A 350 -8.59 -20.80 -21.10
CA PRO A 350 -9.83 -20.41 -21.76
C PRO A 350 -10.90 -21.49 -21.74
N GLY A 351 -12.15 -21.07 -21.86
CA GLY A 351 -13.29 -21.95 -21.97
C GLY A 351 -13.42 -22.36 -23.42
N ASP A 352 -13.45 -21.36 -24.31
CA ASP A 352 -13.47 -21.49 -25.77
C ASP A 352 -12.20 -20.76 -26.19
N PRO A 353 -11.36 -21.27 -27.14
CA PRO A 353 -10.16 -20.51 -27.51
C PRO A 353 -10.55 -19.15 -28.14
N PRO A 354 -9.83 -18.06 -27.81
CA PRO A 354 -10.19 -16.75 -28.38
C PRO A 354 -9.96 -16.66 -29.89
N GLN A 355 -10.78 -15.87 -30.56
CA GLN A 355 -10.66 -15.72 -32.00
C GLN A 355 -10.38 -14.27 -32.37
N PRO A 356 -9.37 -14.01 -33.22
CA PRO A 356 -9.12 -12.62 -33.64
C PRO A 356 -10.29 -12.12 -34.48
N GLU A 357 -10.75 -10.89 -34.22
CA GLU A 357 -11.86 -10.30 -34.97
C GLU A 357 -11.42 -9.00 -35.59
N TYR A 358 -11.85 -8.74 -36.83
CA TYR A 358 -11.47 -7.56 -37.59
C TYR A 358 -12.65 -6.63 -37.89
N ASP A 359 -13.81 -6.95 -37.32
CA ASP A 359 -15.03 -6.15 -37.39
C ASP A 359 -15.50 -6.03 -35.94
N LEU A 360 -15.68 -4.80 -35.46
CA LEU A 360 -16.11 -4.55 -34.06
C LEU A 360 -17.43 -5.25 -33.73
N GLU A 361 -18.39 -5.27 -34.68
CA GLU A 361 -19.71 -5.87 -34.47
C GLU A 361 -19.67 -7.40 -34.29
N LEU A 362 -18.52 -8.04 -34.58
CA LEU A 362 -18.36 -9.49 -34.45
C LEU A 362 -17.88 -9.89 -33.05
N ILE A 363 -17.49 -8.90 -32.24
CA ILE A 363 -17.01 -9.18 -30.90
C ILE A 363 -18.19 -9.26 -29.93
N THR A 364 -18.23 -10.31 -29.10
CA THR A 364 -19.26 -10.42 -28.07
C THR A 364 -18.54 -10.22 -26.74
N SER A 365 -18.91 -9.17 -25.98
CA SER A 365 -18.32 -8.92 -24.67
C SER A 365 -19.47 -8.56 -23.72
N CYS A 366 -19.46 -9.11 -22.48
CA CYS A 366 -20.56 -8.95 -21.53
C CYS A 366 -21.87 -9.41 -22.19
N SER A 367 -21.77 -10.53 -22.95
CA SER A 367 -22.86 -11.18 -23.71
C SER A 367 -23.47 -10.24 -24.78
N SER A 368 -22.82 -9.12 -25.05
CA SER A 368 -23.36 -8.11 -25.94
C SER A 368 -22.46 -7.74 -27.12
N ASN A 369 -23.06 -7.22 -28.19
CA ASN A 369 -22.33 -6.80 -29.37
C ASN A 369 -22.83 -5.44 -29.83
N VAL A 370 -21.93 -4.70 -30.46
CA VAL A 370 -22.24 -3.40 -31.03
C VAL A 370 -23.06 -3.64 -32.28
N SER A 371 -24.11 -2.84 -32.48
CA SER A 371 -24.89 -2.89 -33.70
C SER A 371 -25.19 -1.44 -34.11
N VAL A 372 -25.72 -1.25 -35.32
CA VAL A 372 -25.99 0.09 -35.83
C VAL A 372 -27.46 0.22 -36.23
N ALA A 373 -28.05 1.38 -35.95
CA ALA A 373 -29.40 1.71 -36.41
C ALA A 373 -29.32 3.19 -36.82
N HIS A 374 -30.44 3.80 -37.15
CA HIS A 374 -30.45 5.18 -37.60
C HIS A 374 -31.41 5.95 -36.75
N ASP A 375 -31.11 7.22 -36.41
CA ASP A 375 -32.04 8.01 -35.61
C ASP A 375 -33.07 8.67 -36.54
N ALA A 376 -33.89 9.60 -36.00
CA ALA A 376 -34.95 10.29 -36.80
C ALA A 376 -34.38 11.03 -38.05
N SER A 377 -33.16 11.60 -37.94
CA SER A 377 -32.47 12.32 -39.01
C SER A 377 -31.76 11.40 -40.03
N GLY A 378 -31.76 10.09 -39.79
CA GLY A 378 -31.11 9.11 -40.66
C GLY A 378 -29.65 8.86 -40.33
N LYS A 379 -29.13 9.55 -39.29
CA LYS A 379 -27.77 9.46 -38.79
C LYS A 379 -27.53 8.09 -38.12
N ARG A 380 -26.36 7.50 -38.37
CA ARG A 380 -25.97 6.23 -37.78
C ARG A 380 -25.80 6.38 -36.27
N VAL A 381 -26.35 5.43 -35.51
CA VAL A 381 -26.26 5.43 -34.06
C VAL A 381 -25.77 4.02 -33.69
N TYR A 382 -24.61 3.92 -33.01
CA TYR A 382 -24.15 2.63 -32.50
C TYR A 382 -24.82 2.39 -31.14
N TYR A 383 -25.14 1.14 -30.86
CA TYR A 383 -25.75 0.75 -29.59
C TYR A 383 -25.39 -0.69 -29.30
N LEU A 384 -25.56 -1.09 -28.03
CA LEU A 384 -25.29 -2.45 -27.63
C LEU A 384 -26.55 -3.29 -27.58
N THR A 385 -26.47 -4.47 -28.17
CA THR A 385 -27.56 -5.43 -28.14
C THR A 385 -27.04 -6.79 -27.72
N ARG A 386 -27.90 -7.80 -27.70
CA ARG A 386 -27.49 -9.16 -27.35
C ARG A 386 -28.56 -10.08 -27.88
N ASP A 387 -28.27 -11.39 -27.86
CA ASP A 387 -29.25 -12.39 -28.25
C ASP A 387 -30.39 -12.28 -27.23
N PRO A 388 -31.67 -12.19 -27.66
CA PRO A 388 -32.75 -11.97 -26.68
C PRO A 388 -33.29 -13.25 -26.05
N THR A 389 -32.71 -14.42 -26.36
CA THR A 389 -33.21 -15.68 -25.81
C THR A 389 -33.35 -15.68 -24.28
N THR A 390 -32.24 -15.43 -23.57
CA THR A 390 -32.29 -15.48 -22.10
C THR A 390 -33.19 -14.38 -21.54
N PRO A 391 -33.08 -13.11 -22.01
CA PRO A 391 -34.00 -12.06 -21.55
C PRO A 391 -35.46 -12.46 -21.76
N LEU A 392 -35.84 -13.06 -22.91
CA LEU A 392 -37.26 -13.42 -23.10
C LEU A 392 -37.71 -14.60 -22.21
N ALA A 393 -36.84 -15.62 -22.07
CA ALA A 393 -37.13 -16.77 -21.22
C ALA A 393 -37.34 -16.27 -19.78
N ARG A 394 -36.46 -15.38 -19.31
CA ARG A 394 -36.58 -14.83 -17.95
C ARG A 394 -37.79 -13.94 -17.79
N ALA A 395 -38.11 -13.14 -18.82
CA ALA A 395 -39.29 -12.27 -18.77
C ALA A 395 -40.55 -13.16 -18.68
N ALA A 396 -40.59 -14.30 -19.40
CA ALA A 396 -41.72 -15.25 -19.36
C ALA A 396 -41.86 -15.80 -17.91
N TRP A 397 -40.74 -16.23 -17.30
CA TRP A 397 -40.74 -16.72 -15.92
C TRP A 397 -41.26 -15.68 -14.94
N GLU A 398 -40.76 -14.43 -15.06
CA GLU A 398 -41.13 -13.31 -14.19
C GLU A 398 -42.57 -12.90 -14.35
N THR A 399 -43.17 -13.22 -15.50
CA THR A 399 -44.59 -12.91 -15.74
C THR A 399 -45.43 -13.95 -15.00
N ALA A 400 -45.00 -15.24 -15.02
CA ALA A 400 -45.76 -16.34 -14.38
C ALA A 400 -45.56 -16.39 -12.86
N ARG A 401 -44.38 -15.95 -12.40
CA ARG A 401 -44.05 -16.02 -10.97
C ARG A 401 -43.50 -14.70 -10.49
N HIS A 402 -43.90 -14.26 -9.28
CA HIS A 402 -43.33 -13.06 -8.69
C HIS A 402 -41.90 -13.47 -8.27
N THR A 403 -40.90 -12.76 -8.79
CA THR A 403 -39.49 -13.09 -8.52
C THR A 403 -38.88 -11.91 -7.75
N PRO A 404 -37.85 -12.11 -6.88
CA PRO A 404 -37.30 -10.97 -6.13
C PRO A 404 -36.69 -9.90 -7.04
N ILE A 405 -35.95 -10.34 -8.06
CA ILE A 405 -35.32 -9.46 -9.04
C ILE A 405 -36.05 -9.61 -10.36
N ASN A 406 -36.42 -8.48 -10.96
CA ASN A 406 -37.10 -8.47 -12.24
C ASN A 406 -36.08 -8.20 -13.33
N SER A 407 -35.51 -9.26 -13.91
CA SER A 407 -34.55 -9.06 -15.00
C SER A 407 -35.16 -8.30 -16.18
N TRP A 408 -36.48 -8.47 -16.42
CA TRP A 408 -37.11 -7.75 -17.55
C TRP A 408 -36.91 -6.23 -17.45
N LEU A 409 -37.03 -5.71 -16.22
CA LEU A 409 -36.89 -4.27 -15.97
C LEU A 409 -35.45 -3.81 -16.17
N GLY A 410 -34.48 -4.60 -15.69
CA GLY A 410 -33.07 -4.29 -15.89
C GLY A 410 -32.73 -4.34 -17.38
N ASN A 411 -33.35 -5.29 -18.10
CA ASN A 411 -33.10 -5.44 -19.55
C ASN A 411 -33.70 -4.27 -20.33
N ILE A 412 -34.89 -3.81 -19.95
CA ILE A 412 -35.44 -2.61 -20.60
C ILE A 412 -34.51 -1.44 -20.35
N ILE A 413 -34.01 -1.29 -19.12
CA ILE A 413 -33.14 -0.15 -18.83
C ILE A 413 -31.83 -0.20 -19.62
N MET A 414 -31.15 -1.36 -19.58
CA MET A 414 -29.85 -1.50 -20.22
C MET A 414 -29.88 -1.67 -21.72
N TYR A 415 -30.97 -2.27 -22.23
CA TYR A 415 -31.06 -2.53 -23.67
C TYR A 415 -32.20 -1.76 -24.30
N ALA A 416 -32.56 -0.62 -23.69
CA ALA A 416 -33.61 0.25 -24.21
C ALA A 416 -33.58 0.57 -25.70
N PRO A 417 -32.41 0.80 -26.35
CA PRO A 417 -32.46 1.12 -27.80
C PRO A 417 -32.73 -0.09 -28.70
N THR A 418 -32.67 -1.31 -28.15
CA THR A 418 -32.83 -2.53 -28.98
C THR A 418 -34.24 -2.75 -29.53
N LEU A 419 -34.31 -3.37 -30.69
CA LEU A 419 -35.58 -3.72 -31.32
C LEU A 419 -36.42 -4.62 -30.38
N TRP A 420 -35.78 -5.60 -29.73
CA TRP A 420 -36.50 -6.55 -28.89
C TRP A 420 -36.94 -5.93 -27.56
N ALA A 421 -36.12 -5.08 -26.93
CA ALA A 421 -36.56 -4.48 -25.67
C ALA A 421 -37.74 -3.53 -25.92
N ARG A 422 -37.71 -2.78 -27.02
CA ARG A 422 -38.77 -1.82 -27.32
C ARG A 422 -40.08 -2.49 -27.76
N MET A 423 -39.97 -3.37 -28.76
CA MET A 423 -41.16 -4.00 -29.31
C MET A 423 -41.78 -5.07 -28.45
N ILE A 424 -40.96 -5.84 -27.75
CA ILE A 424 -41.49 -6.94 -26.97
C ILE A 424 -41.57 -6.63 -25.49
N LEU A 425 -40.40 -6.41 -24.84
CA LEU A 425 -40.45 -6.22 -23.38
C LEU A 425 -41.28 -5.02 -22.95
N MET A 426 -41.11 -3.84 -23.58
CA MET A 426 -41.88 -2.67 -23.16
C MET A 426 -43.36 -2.95 -23.41
N THR A 427 -43.70 -3.47 -24.59
CA THR A 427 -45.10 -3.75 -24.92
C THR A 427 -45.75 -4.73 -23.95
N HIS A 428 -45.10 -5.86 -23.72
CA HIS A 428 -45.65 -6.88 -22.83
C HIS A 428 -45.88 -6.38 -21.40
N PHE A 429 -44.82 -5.81 -20.77
CA PHE A 429 -44.94 -5.39 -19.38
C PHE A 429 -45.79 -4.18 -19.20
N PHE A 430 -45.75 -3.20 -20.15
CA PHE A 430 -46.64 -2.04 -19.97
C PHE A 430 -48.10 -2.46 -20.08
N SER A 431 -48.37 -3.43 -20.97
CA SER A 431 -49.76 -3.90 -21.15
C SER A 431 -50.26 -4.54 -19.86
N ILE A 432 -49.45 -5.41 -19.26
CA ILE A 432 -49.82 -6.12 -18.03
C ILE A 432 -49.94 -5.18 -16.87
N LEU A 433 -48.95 -4.29 -16.71
CA LEU A 433 -48.98 -3.38 -15.58
C LEU A 433 -50.11 -2.36 -15.65
N LEU A 434 -50.46 -1.95 -16.87
CA LEU A 434 -51.54 -1.00 -17.02
C LEU A 434 -52.86 -1.70 -16.64
N ALA A 435 -53.05 -2.96 -17.10
CA ALA A 435 -54.25 -3.75 -16.79
C ALA A 435 -54.40 -3.99 -15.28
N GLN A 436 -53.27 -4.06 -14.57
CA GLN A 436 -53.19 -4.28 -13.11
C GLN A 436 -53.12 -3.01 -12.27
N GLU A 437 -53.09 -1.82 -12.91
CA GLU A 437 -52.97 -0.51 -12.27
C GLU A 437 -51.69 -0.51 -11.39
N GLN A 438 -50.60 -1.10 -11.91
CA GLN A 438 -49.32 -1.22 -11.23
C GLN A 438 -48.17 -0.50 -11.91
N LEU A 439 -48.45 0.43 -12.85
CA LEU A 439 -47.37 1.20 -13.51
C LEU A 439 -46.53 2.02 -12.53
N GLY A 440 -47.16 2.47 -11.45
CA GLY A 440 -46.51 3.28 -10.43
C GLY A 440 -45.91 2.49 -9.28
N LYS A 441 -45.97 1.14 -9.33
CA LYS A 441 -45.46 0.31 -8.24
C LYS A 441 -43.97 0.03 -8.46
N ALA A 442 -43.12 0.42 -7.47
CA ALA A 442 -41.67 0.19 -7.61
C ALA A 442 -41.36 -1.29 -7.61
N LEU A 443 -40.46 -1.69 -8.52
CA LEU A 443 -40.02 -3.06 -8.65
C LEU A 443 -38.51 -3.09 -8.53
N ASP A 444 -38.00 -4.21 -8.04
CA ASP A 444 -36.56 -4.35 -7.91
C ASP A 444 -35.95 -4.92 -9.17
N CYS A 445 -34.78 -4.37 -9.54
CA CYS A 445 -33.98 -4.90 -10.64
C CYS A 445 -32.53 -4.69 -10.27
N GLN A 446 -31.62 -5.21 -11.09
CA GLN A 446 -30.20 -5.08 -10.78
C GLN A 446 -29.45 -4.47 -11.92
N ILE A 447 -28.53 -3.57 -11.58
CA ILE A 447 -27.69 -2.88 -12.53
C ILE A 447 -26.29 -3.03 -12.00
N TYR A 448 -25.46 -3.69 -12.77
CA TYR A 448 -24.08 -3.96 -12.38
C TYR A 448 -24.00 -4.64 -10.99
N GLY A 449 -24.96 -5.53 -10.75
CA GLY A 449 -24.99 -6.33 -9.53
C GLY A 449 -25.66 -5.67 -8.35
N ALA A 450 -25.88 -4.35 -8.38
CA ALA A 450 -26.55 -3.64 -7.29
C ALA A 450 -28.04 -3.62 -7.52
N CYS A 451 -28.78 -3.67 -6.43
N CYS A 451 -28.81 -3.66 -6.43
CA CYS A 451 -30.24 -3.68 -6.47
CA CYS A 451 -30.27 -3.66 -6.48
C CYS A 451 -30.82 -2.27 -6.43
C CYS A 451 -30.85 -2.27 -6.41
N TYR A 452 -31.81 -1.99 -7.31
CA TYR A 452 -32.50 -0.68 -7.40
C TYR A 452 -34.00 -0.88 -7.38
N SER A 453 -34.72 0.04 -6.74
CA SER A 453 -36.17 -0.06 -6.72
C SER A 453 -36.69 1.01 -7.68
N ILE A 454 -37.27 0.59 -8.80
CA ILE A 454 -37.65 1.50 -9.88
C ILE A 454 -39.11 1.39 -10.24
N GLU A 455 -39.75 2.53 -10.47
CA GLU A 455 -41.13 2.49 -10.93
C GLU A 455 -41.11 2.47 -12.46
N PRO A 456 -41.90 1.59 -13.09
CA PRO A 456 -41.95 1.56 -14.55
C PRO A 456 -42.28 2.93 -15.18
N LEU A 457 -43.10 3.76 -14.48
CA LEU A 457 -43.44 5.09 -15.00
C LEU A 457 -42.24 6.04 -15.14
N ASP A 458 -41.12 5.75 -14.45
CA ASP A 458 -39.93 6.60 -14.54
C ASP A 458 -38.98 6.18 -15.69
N LEU A 459 -39.37 5.10 -16.40
CA LEU A 459 -38.51 4.62 -17.49
C LEU A 459 -38.12 5.64 -18.55
N PRO A 460 -39.02 6.52 -19.06
CA PRO A 460 -38.61 7.46 -20.13
C PRO A 460 -37.42 8.31 -19.71
N GLN A 461 -37.47 8.92 -18.50
CA GLN A 461 -36.35 9.77 -18.10
C GLN A 461 -35.09 8.97 -17.82
N ILE A 462 -35.21 7.76 -17.28
CA ILE A 462 -34.04 6.91 -17.02
C ILE A 462 -33.39 6.56 -18.36
N ILE A 463 -34.21 6.11 -19.33
CA ILE A 463 -33.70 5.75 -20.65
C ILE A 463 -33.02 6.97 -21.33
N GLU A 464 -33.63 8.15 -21.24
CA GLU A 464 -33.06 9.35 -21.85
C GLU A 464 -31.67 9.60 -21.26
N ARG A 465 -31.50 9.49 -19.94
CA ARG A 465 -30.17 9.66 -19.34
C ARG A 465 -29.11 8.63 -19.72
N LEU A 466 -29.51 7.36 -19.79
CA LEU A 466 -28.61 6.28 -20.10
C LEU A 466 -28.30 6.17 -21.56
N HIS A 467 -29.24 6.56 -22.44
CA HIS A 467 -29.02 6.29 -23.85
C HIS A 467 -29.16 7.47 -24.79
N GLY A 468 -29.77 8.54 -24.32
CA GLY A 468 -30.07 9.70 -25.15
C GLY A 468 -31.47 9.54 -25.75
N LEU A 469 -32.03 10.63 -26.29
CA LEU A 469 -33.36 10.63 -26.93
C LEU A 469 -33.39 9.71 -28.15
N SER A 470 -32.21 9.41 -28.75
CA SER A 470 -32.21 8.50 -29.90
C SER A 470 -32.75 7.11 -29.56
N ALA A 471 -32.72 6.69 -28.27
CA ALA A 471 -33.25 5.39 -27.84
C ALA A 471 -34.76 5.31 -28.22
N PHE A 472 -35.44 6.47 -28.37
CA PHE A 472 -36.86 6.47 -28.70
C PHE A 472 -37.11 6.72 -30.19
N THR A 473 -36.04 6.83 -31.00
CA THR A 473 -36.23 7.15 -32.43
C THR A 473 -35.54 6.17 -33.37
N LEU A 474 -34.76 5.20 -32.83
CA LEU A 474 -34.04 4.28 -33.73
C LEU A 474 -34.95 3.53 -34.66
N HIS A 475 -34.50 3.39 -35.90
CA HIS A 475 -35.19 2.61 -36.92
C HIS A 475 -34.13 2.13 -37.90
N SER A 476 -34.54 1.36 -38.92
CA SER A 476 -33.60 0.76 -39.90
C SER A 476 -32.50 0.01 -39.17
N TYR A 477 -32.93 -0.95 -38.35
CA TYR A 477 -32.05 -1.83 -37.61
C TYR A 477 -31.34 -2.72 -38.64
N SER A 478 -30.19 -3.29 -38.26
CA SER A 478 -29.41 -4.09 -39.25
C SER A 478 -30.15 -5.38 -39.60
N PRO A 479 -30.03 -5.87 -40.85
CA PRO A 479 -30.71 -7.14 -41.18
C PRO A 479 -30.29 -8.30 -40.28
N GLY A 480 -29.02 -8.32 -39.86
CA GLY A 480 -28.49 -9.34 -38.97
C GLY A 480 -29.17 -9.32 -37.61
N GLU A 481 -29.37 -8.10 -37.07
CA GLU A 481 -30.07 -7.95 -35.77
C GLU A 481 -31.54 -8.38 -35.92
N ILE A 482 -32.22 -7.90 -36.98
CA ILE A 482 -33.62 -8.27 -37.20
C ILE A 482 -33.75 -9.79 -37.33
N ASN A 483 -32.89 -10.43 -38.12
CA ASN A 483 -32.95 -11.87 -38.30
C ASN A 483 -32.74 -12.60 -37.00
N ARG A 484 -31.79 -12.15 -36.17
CA ARG A 484 -31.55 -12.79 -34.89
C ARG A 484 -32.79 -12.75 -34.00
N VAL A 485 -33.41 -11.56 -33.89
CA VAL A 485 -34.62 -11.44 -33.07
C VAL A 485 -35.73 -12.36 -33.64
N ALA A 486 -36.05 -12.20 -34.94
CA ALA A 486 -37.11 -12.98 -35.58
C ALA A 486 -36.90 -14.50 -35.41
N SER A 487 -35.67 -14.98 -35.54
CA SER A 487 -35.34 -16.39 -35.38
C SER A 487 -35.52 -16.83 -33.92
N CYS A 488 -35.14 -15.98 -32.97
CA CYS A 488 -35.35 -16.26 -31.56
C CYS A 488 -36.86 -16.39 -31.27
N LEU A 489 -37.70 -15.51 -31.87
CA LEU A 489 -39.15 -15.57 -31.63
C LEU A 489 -39.73 -16.88 -32.15
N ARG A 490 -39.28 -17.33 -33.32
CA ARG A 490 -39.81 -18.60 -33.84
C ARG A 490 -39.42 -19.77 -32.94
N LYS A 491 -38.16 -19.77 -32.50
CA LYS A 491 -37.60 -20.80 -31.63
C LYS A 491 -38.37 -20.93 -30.32
N LEU A 492 -38.69 -19.81 -29.68
CA LEU A 492 -39.36 -19.78 -28.38
C LEU A 492 -40.89 -19.76 -28.46
N GLY A 493 -41.44 -19.59 -29.67
CA GLY A 493 -42.88 -19.48 -29.82
C GLY A 493 -43.38 -18.14 -29.30
N VAL A 494 -42.61 -17.09 -29.57
CA VAL A 494 -43.00 -15.73 -29.19
C VAL A 494 -43.79 -15.20 -30.39
N PRO A 495 -44.93 -14.51 -30.18
CA PRO A 495 -45.65 -13.94 -31.34
C PRO A 495 -44.75 -13.06 -32.21
N PRO A 496 -45.01 -13.01 -33.54
CA PRO A 496 -44.15 -12.19 -34.41
C PRO A 496 -44.21 -10.69 -34.13
N LEU A 497 -43.21 -9.95 -34.62
CA LEU A 497 -43.13 -8.50 -34.41
C LEU A 497 -44.40 -7.74 -34.85
N ARG A 498 -45.11 -8.18 -35.93
CA ARG A 498 -46.38 -7.52 -36.30
C ARG A 498 -47.42 -7.53 -35.17
N THR A 499 -47.47 -8.62 -34.38
CA THR A 499 -48.39 -8.78 -33.26
C THR A 499 -47.98 -7.79 -32.16
N TRP A 500 -46.67 -7.68 -31.88
CA TRP A 500 -46.14 -6.73 -30.89
C TRP A 500 -46.48 -5.30 -31.28
N ARG A 501 -46.36 -4.95 -32.57
CA ARG A 501 -46.75 -3.59 -33.03
C ARG A 501 -48.23 -3.34 -32.72
N HIS A 502 -49.12 -4.31 -33.01
CA HIS A 502 -50.55 -4.15 -32.70
C HIS A 502 -50.78 -3.95 -31.24
N ARG A 503 -50.14 -4.79 -30.41
CA ARG A 503 -50.32 -4.69 -28.96
C ARG A 503 -49.76 -3.36 -28.47
N ALA A 504 -48.65 -2.88 -29.08
CA ALA A 504 -48.05 -1.61 -28.63
C ALA A 504 -48.98 -0.45 -28.93
N ARG A 505 -49.61 -0.45 -30.12
CA ARG A 505 -50.54 0.64 -30.46
C ARG A 505 -51.69 0.70 -29.47
N SER A 506 -52.16 -0.48 -29.01
CA SER A 506 -53.22 -0.56 -28.04
C SER A 506 -52.77 0.01 -26.67
N VAL A 507 -51.66 -0.49 -26.13
CA VAL A 507 -51.24 0.02 -24.81
C VAL A 507 -50.84 1.52 -24.89
N ARG A 508 -50.23 1.94 -26.02
CA ARG A 508 -49.85 3.34 -26.22
C ARG A 508 -51.10 4.25 -26.09
N ALA A 509 -52.21 3.87 -26.76
CA ALA A 509 -53.46 4.65 -26.70
C ALA A 509 -53.96 4.77 -25.27
N LYS A 510 -53.93 3.66 -24.51
CA LYS A 510 -54.36 3.64 -23.11
C LYS A 510 -53.47 4.52 -22.25
N LEU A 511 -52.15 4.42 -22.45
CA LEU A 511 -51.19 5.26 -21.72
C LEU A 511 -51.43 6.76 -21.97
N LEU A 512 -51.60 7.16 -23.23
CA LEU A 512 -51.85 8.56 -23.58
C LEU A 512 -53.16 9.05 -22.94
N SER A 513 -54.18 8.17 -22.88
CA SER A 513 -55.49 8.56 -22.32
C SER A 513 -55.41 8.84 -20.81
N GLN A 514 -54.43 8.26 -20.12
CA GLN A 514 -54.27 8.45 -18.68
C GLN A 514 -53.61 9.78 -18.30
N GLY A 515 -52.96 10.44 -19.25
CA GLY A 515 -52.23 11.67 -18.97
C GLY A 515 -51.04 11.44 -18.06
N GLY A 516 -50.47 12.52 -17.52
CA GLY A 516 -49.38 12.46 -16.55
C GLY A 516 -48.19 11.61 -16.98
N ARG A 517 -47.59 10.87 -16.03
CA ARG A 517 -46.42 10.02 -16.34
C ARG A 517 -46.76 8.90 -17.33
N ALA A 518 -47.97 8.32 -17.25
CA ALA A 518 -48.37 7.29 -18.20
C ALA A 518 -48.33 7.83 -19.63
N ALA A 519 -48.82 9.07 -19.85
CA ALA A 519 -48.80 9.67 -21.20
C ALA A 519 -47.40 9.90 -21.68
N ILE A 520 -46.45 10.21 -20.78
CA ILE A 520 -45.05 10.41 -21.18
C ILE A 520 -44.53 9.04 -21.66
N CYS A 521 -44.91 7.95 -20.97
CA CYS A 521 -44.52 6.60 -21.41
C CYS A 521 -45.10 6.31 -22.77
N GLY A 522 -46.39 6.63 -22.98
CA GLY A 522 -47.02 6.39 -24.27
C GLY A 522 -46.31 7.15 -25.40
N ARG A 523 -46.00 8.43 -25.15
CA ARG A 523 -45.36 9.28 -26.14
C ARG A 523 -43.93 8.81 -26.49
N TYR A 524 -43.07 8.62 -25.48
CA TYR A 524 -41.67 8.31 -25.74
C TYR A 524 -41.42 6.84 -26.01
N LEU A 525 -41.94 5.95 -25.16
CA LEU A 525 -41.63 4.53 -25.31
C LEU A 525 -42.23 3.88 -26.54
N PHE A 526 -43.39 4.37 -26.98
CA PHE A 526 -44.12 3.73 -28.07
C PHE A 526 -44.26 4.58 -29.34
N ASN A 527 -43.43 5.61 -29.51
CA ASN A 527 -43.49 6.44 -30.73
C ASN A 527 -43.15 5.59 -31.96
N TRP A 528 -42.37 4.50 -31.75
CA TRP A 528 -41.98 3.62 -32.87
C TRP A 528 -43.21 2.91 -33.50
N ALA A 529 -44.29 2.74 -32.74
CA ALA A 529 -45.48 1.96 -33.13
C ALA A 529 -46.46 2.71 -34.04
N VAL A 530 -46.22 4.01 -34.26
CA VAL A 530 -47.17 4.80 -35.06
C VAL A 530 -46.44 5.54 -36.21
N ARG A 531 -47.18 5.88 -37.28
CA ARG A 531 -46.62 6.69 -38.35
C ARG A 531 -46.70 8.15 -37.96
N THR A 532 -47.74 8.51 -37.20
CA THR A 532 -47.97 9.89 -36.76
C THR A 532 -47.13 10.15 -35.50
N LYS A 533 -45.84 10.43 -35.70
CA LYS A 533 -44.89 10.64 -34.59
C LYS A 533 -45.21 11.87 -33.76
N LEU A 534 -45.11 11.71 -32.46
CA LEU A 534 -45.26 12.82 -31.52
C LEU A 534 -43.87 13.42 -31.37
N LYS A 535 -43.83 14.72 -31.10
CA LYS A 535 -42.55 15.43 -30.96
C LYS A 535 -41.90 15.01 -29.63
N LEU A 536 -40.61 14.58 -29.69
CA LEU A 536 -39.87 14.13 -28.51
C LEU A 536 -38.84 15.16 -28.11
N THR A 537 -39.04 15.79 -27.00
CA THR A 537 -38.09 16.79 -26.49
C THR A 537 -37.47 16.25 -25.21
N PRO A 538 -36.38 16.86 -24.68
CA PRO A 538 -35.82 16.36 -23.41
C PRO A 538 -36.84 16.44 -22.30
N ILE A 539 -36.95 15.34 -21.55
CA ILE A 539 -37.91 15.22 -20.46
C ILE A 539 -37.34 16.00 -19.27
N PRO A 540 -38.09 17.00 -18.72
CA PRO A 540 -37.57 17.76 -17.56
C PRO A 540 -37.02 16.90 -16.43
N ALA A 541 -37.74 15.82 -16.05
CA ALA A 541 -37.36 14.86 -14.99
C ALA A 541 -35.98 14.25 -15.21
N ALA A 542 -35.54 14.11 -16.49
CA ALA A 542 -34.24 13.50 -16.82
C ALA A 542 -33.03 14.20 -16.17
N SER A 543 -32.92 15.53 -16.30
CA SER A 543 -31.78 16.27 -15.71
C SER A 543 -31.79 16.23 -14.18
N GLN A 544 -32.98 16.10 -13.58
CA GLN A 544 -33.19 16.05 -12.12
C GLN A 544 -32.87 14.68 -11.52
N LEU A 545 -32.72 13.62 -12.36
CA LEU A 545 -32.45 12.27 -11.86
C LEU A 545 -31.09 12.17 -11.23
N ASP A 546 -31.07 11.56 -10.04
CA ASP A 546 -29.84 11.32 -9.31
C ASP A 546 -29.40 9.91 -9.62
N LEU A 547 -28.52 9.79 -10.61
CA LEU A 547 -27.98 8.50 -11.01
C LEU A 547 -26.58 8.28 -10.45
N SER A 548 -26.25 9.00 -9.35
CA SER A 548 -24.96 8.77 -8.71
C SER A 548 -25.03 7.33 -8.13
N GLY A 549 -23.96 6.60 -8.28
CA GLY A 549 -23.92 5.21 -7.83
C GLY A 549 -24.33 4.20 -8.88
N TRP A 550 -24.99 4.63 -9.99
CA TRP A 550 -25.43 3.65 -10.99
C TRP A 550 -24.29 2.99 -11.80
N PHE A 551 -23.38 3.81 -12.31
CA PHE A 551 -22.30 3.32 -13.16
C PHE A 551 -20.98 3.77 -12.57
N VAL A 552 -20.70 3.24 -11.39
CA VAL A 552 -19.48 3.56 -10.66
C VAL A 552 -18.66 2.30 -10.54
N ALA A 553 -19.27 1.23 -10.05
CA ALA A 553 -18.55 -0.02 -9.83
C ALA A 553 -19.50 -1.20 -9.94
N GLY A 554 -18.91 -2.37 -10.05
CA GLY A 554 -19.64 -3.64 -10.10
C GLY A 554 -19.79 -4.19 -8.70
N TYR A 555 -20.95 -4.79 -8.41
CA TYR A 555 -21.19 -5.33 -7.08
C TYR A 555 -21.80 -6.72 -7.13
N SER A 556 -21.71 -7.43 -8.26
CA SER A 556 -22.34 -8.77 -8.29
C SER A 556 -21.86 -9.68 -7.15
N GLY A 557 -22.83 -10.27 -6.44
CA GLY A 557 -22.61 -11.14 -5.30
C GLY A 557 -22.33 -10.37 -4.01
N GLY A 558 -22.23 -9.05 -4.10
CA GLY A 558 -21.86 -8.16 -3.01
C GLY A 558 -22.95 -7.67 -2.10
N ASP A 559 -24.20 -8.13 -2.31
CA ASP A 559 -25.30 -7.81 -1.40
C ASP A 559 -25.49 -6.28 -1.24
N ILE A 560 -25.52 -5.56 -2.37
CA ILE A 560 -25.65 -4.10 -2.38
C ILE A 560 -27.03 -3.64 -2.84
N TYR A 561 -27.63 -2.71 -2.06
CA TYR A 561 -28.91 -2.09 -2.42
C TYR A 561 -28.62 -0.60 -2.56
N HIS A 562 -29.03 -0.01 -3.68
CA HIS A 562 -28.62 1.36 -4.01
C HIS A 562 -29.73 2.41 -4.03
N SER A 563 -30.96 2.03 -3.70
CA SER A 563 -32.06 3.01 -3.66
C SER A 563 -32.09 3.68 -2.27
N LEU A 564 -32.71 4.89 -2.18
CA LEU A 564 -32.79 5.71 -0.96
C LEU A 564 -33.45 5.02 0.24
N SER A 565 -32.89 5.27 1.43
CA SER A 565 -33.38 4.77 2.72
C SER A 565 -34.36 5.78 3.31
N ARG A 566 -35.54 5.30 3.73
CA ARG A 566 -36.56 6.13 4.35
C ARG A 566 -36.13 6.59 5.76
N ALA A 567 -36.37 7.87 6.08
CA ALA A 567 -36.04 8.49 7.37
C ALA A 567 -36.71 7.80 8.56
N ARG A 568 -36.13 7.98 9.77
CA ARG A 568 -36.66 7.40 11.01
C ARG A 568 -36.60 8.42 12.14
N SER B 1 -2.52 15.03 21.24
CA SER B 1 -2.32 14.22 22.44
C SER B 1 -0.94 14.53 23.03
N MET B 2 -0.74 14.21 24.31
CA MET B 2 0.51 14.42 25.02
C MET B 2 1.52 13.38 24.55
N SER B 3 2.75 13.81 24.23
CA SER B 3 3.83 12.90 23.80
C SER B 3 4.07 11.83 24.87
N TYR B 4 3.98 12.24 26.15
CA TYR B 4 4.11 11.38 27.32
C TYR B 4 3.15 11.79 28.43
N THR B 5 2.74 10.81 29.24
CA THR B 5 1.99 10.98 30.48
C THR B 5 2.88 10.30 31.50
N TRP B 6 3.09 10.92 32.66
CA TRP B 6 3.98 10.33 33.66
C TRP B 6 3.18 10.01 34.95
N THR B 7 3.59 8.97 35.67
CA THR B 7 2.91 8.57 36.91
C THR B 7 3.56 9.21 38.15
N GLY B 8 4.82 9.63 38.00
CA GLY B 8 5.62 10.13 39.12
C GLY B 8 6.70 9.12 39.51
N ALA B 9 6.59 7.85 39.02
CA ALA B 9 7.65 6.86 39.29
C ALA B 9 8.89 7.37 38.53
N LEU B 10 10.09 7.21 39.11
CA LEU B 10 11.27 7.79 38.48
C LEU B 10 11.87 6.94 37.37
N ILE B 11 12.68 7.59 36.51
CA ILE B 11 13.47 6.87 35.50
C ILE B 11 14.67 6.49 36.31
N THR B 12 14.79 5.21 36.60
CA THR B 12 15.81 4.65 37.46
C THR B 12 17.01 4.04 36.75
N PRO B 13 18.22 4.09 37.38
CA PRO B 13 19.37 3.39 36.78
C PRO B 13 19.27 1.90 37.06
N CYS B 14 20.02 1.05 36.35
CA CYS B 14 20.00 -0.39 36.63
C CYS B 14 21.29 -0.84 37.33
N ALA B 15 22.29 0.07 37.34
CA ALA B 15 23.61 -0.10 37.96
C ALA B 15 24.16 1.29 38.30
N ALA B 16 25.32 1.35 39.02
CA ALA B 16 25.95 2.61 39.41
C ALA B 16 26.34 3.40 38.15
N GLU B 17 26.06 4.71 38.15
CA GLU B 17 26.33 5.58 37.00
C GLU B 17 27.46 6.52 37.28
N GLU B 18 28.43 6.56 36.36
CA GLU B 18 29.59 7.44 36.41
C GLU B 18 29.23 8.73 35.68
N SER B 19 29.57 9.88 36.26
CA SER B 19 29.27 11.19 35.67
C SER B 19 30.54 12.02 35.42
N LYS B 20 31.67 11.63 36.02
CA LYS B 20 32.91 12.38 35.93
C LYS B 20 34.06 11.45 35.54
N LEU B 21 35.13 12.03 34.94
CA LEU B 21 36.36 11.31 34.61
C LEU B 21 36.97 10.82 35.92
N PRO B 22 37.49 9.58 36.00
CA PRO B 22 38.06 9.11 37.28
C PRO B 22 39.35 9.85 37.66
N ILE B 23 39.64 9.90 38.98
CA ILE B 23 40.87 10.53 39.49
C ILE B 23 41.99 9.50 39.19
N ASN B 24 42.52 9.57 37.94
CA ASN B 24 43.52 8.65 37.41
C ASN B 24 44.48 9.34 36.41
N PRO B 25 45.76 8.90 36.32
CA PRO B 25 46.68 9.52 35.34
C PRO B 25 46.38 9.20 33.87
N LEU B 26 45.64 8.11 33.61
CA LEU B 26 45.27 7.70 32.24
C LEU B 26 44.15 8.63 31.73
N SER B 27 44.35 9.17 30.49
CA SER B 27 43.54 10.15 29.73
C SER B 27 44.00 11.61 29.87
N ASN B 28 44.86 11.88 30.89
CA ASN B 28 45.44 13.20 31.16
C ASN B 28 46.42 13.62 30.06
N SER B 29 47.02 12.62 29.38
CA SER B 29 47.95 12.77 28.24
C SER B 29 47.18 13.33 27.03
N LEU B 30 45.86 13.04 26.96
CA LEU B 30 45.01 13.55 25.90
C LEU B 30 44.36 14.88 26.27
N LEU B 31 43.76 14.99 27.47
CA LEU B 31 42.98 16.13 27.91
C LEU B 31 43.30 16.49 29.36
N ARG B 32 43.63 17.78 29.65
CA ARG B 32 43.97 18.23 31.02
C ARG B 32 42.78 18.73 31.84
N HIS B 33 41.81 19.41 31.18
CA HIS B 33 40.65 19.99 31.86
C HIS B 33 39.57 18.93 32.10
N HIS B 34 39.88 17.94 32.94
CA HIS B 34 39.03 16.81 33.32
C HIS B 34 37.66 17.21 33.86
N ASN B 35 37.59 18.35 34.60
CA ASN B 35 36.33 18.86 35.16
C ASN B 35 35.33 19.35 34.11
N MET B 36 35.80 19.57 32.86
CA MET B 36 34.96 20.02 31.76
C MET B 36 34.18 18.88 31.10
N VAL B 37 34.63 17.64 31.32
CA VAL B 37 34.06 16.42 30.71
C VAL B 37 33.06 15.79 31.68
N TYR B 38 31.83 15.52 31.20
CA TYR B 38 30.81 14.88 32.02
C TYR B 38 30.02 13.83 31.23
N ALA B 39 29.39 12.91 31.95
CA ALA B 39 28.50 11.90 31.37
C ALA B 39 27.12 12.16 31.96
N THR B 40 26.09 12.08 31.12
CA THR B 40 24.71 12.25 31.59
C THR B 40 24.33 11.01 32.39
N THR B 41 23.44 11.18 33.38
CA THR B 41 22.97 10.07 34.22
C THR B 41 21.46 10.24 34.40
N SER B 42 20.83 9.29 35.08
CA SER B 42 19.40 9.32 35.40
C SER B 42 19.03 10.51 36.29
N ARG B 43 20.03 11.17 36.93
CA ARG B 43 19.77 12.30 37.83
C ARG B 43 19.18 13.52 37.10
N SER B 44 19.45 13.66 35.78
CA SER B 44 18.90 14.76 34.98
C SER B 44 17.67 14.32 34.16
N ALA B 45 17.17 13.08 34.35
CA ALA B 45 16.00 12.62 33.56
C ALA B 45 14.77 13.53 33.64
N SER B 46 14.51 14.16 34.83
CA SER B 46 13.35 15.04 35.02
C SER B 46 13.44 16.25 34.13
N LEU B 47 14.66 16.79 33.94
CA LEU B 47 14.90 17.94 33.07
C LEU B 47 14.57 17.53 31.64
N ARG B 48 14.96 16.31 31.25
CA ARG B 48 14.64 15.78 29.91
C ARG B 48 13.12 15.60 29.73
N GLN B 49 12.44 15.03 30.73
CA GLN B 49 10.99 14.82 30.69
C GLN B 49 10.23 16.12 30.40
N LYS B 50 10.65 17.24 30.99
CA LYS B 50 10.00 18.54 30.76
C LYS B 50 10.18 19.01 29.32
N LYS B 51 11.35 18.73 28.72
CA LYS B 51 11.64 19.12 27.34
C LYS B 51 10.82 18.27 26.37
N VAL B 52 10.71 16.97 26.66
CA VAL B 52 10.06 15.99 25.79
C VAL B 52 8.54 15.83 25.90
N THR B 53 7.92 16.39 26.97
CA THR B 53 6.48 16.27 27.24
C THR B 53 5.70 17.50 26.80
N PHE B 54 4.90 17.35 25.74
CA PHE B 54 4.07 18.45 25.22
C PHE B 54 2.94 17.89 24.37
N ASP B 55 1.92 18.71 24.16
CA ASP B 55 0.80 18.31 23.33
C ASP B 55 1.25 18.59 21.89
N ARG B 56 0.87 17.71 20.97
CA ARG B 56 1.19 17.94 19.58
C ARG B 56 -0.07 18.34 18.91
N LEU B 57 -0.02 19.50 18.31
CA LEU B 57 -1.10 20.01 17.51
C LEU B 57 -0.59 19.82 16.10
N GLN B 58 -1.33 19.09 15.29
CA GLN B 58 -0.89 18.83 13.94
C GLN B 58 -2.03 19.09 12.99
N VAL B 59 -1.74 19.79 11.89
CA VAL B 59 -2.70 20.11 10.84
C VAL B 59 -2.09 19.71 9.51
N LEU B 60 -2.76 18.81 8.79
CA LEU B 60 -2.31 18.32 7.49
C LEU B 60 -3.02 19.00 6.36
N ASP B 61 -2.31 19.28 5.28
CA ASP B 61 -2.90 19.98 4.14
C ASP B 61 -2.71 19.21 2.84
N ASP B 62 -3.15 19.82 1.72
CA ASP B 62 -3.05 19.19 0.41
C ASP B 62 -1.61 18.91 0.02
N HIS B 63 -0.66 19.82 0.33
CA HIS B 63 0.75 19.58 -0.03
C HIS B 63 1.27 18.30 0.65
N TYR B 64 0.93 18.12 1.94
CA TYR B 64 1.30 16.93 2.72
C TYR B 64 0.70 15.68 2.06
N ARG B 65 -0.60 15.73 1.78
CA ARG B 65 -1.27 14.59 1.12
C ARG B 65 -0.71 14.26 -0.24
N ASP B 66 -0.34 15.30 -1.04
CA ASP B 66 0.24 15.09 -2.37
C ASP B 66 1.58 14.37 -2.27
N VAL B 67 2.48 14.84 -1.38
CA VAL B 67 3.80 14.24 -1.23
C VAL B 67 3.65 12.81 -0.73
N LEU B 68 2.73 12.60 0.23
CA LEU B 68 2.51 11.25 0.75
C LEU B 68 2.14 10.27 -0.38
N LYS B 69 1.21 10.66 -1.25
CA LYS B 69 0.84 9.81 -2.39
C LYS B 69 2.03 9.54 -3.33
N GLU B 70 2.88 10.55 -3.54
CA GLU B 70 4.07 10.37 -4.39
C GLU B 70 5.02 9.36 -3.76
N MET B 71 5.17 9.44 -2.42
CA MET B 71 6.04 8.53 -1.68
C MET B 71 5.49 7.09 -1.74
N LYS B 72 4.17 6.95 -1.60
CA LYS B 72 3.51 5.63 -1.60
C LYS B 72 3.62 4.96 -2.99
N ALA B 73 3.53 5.75 -4.07
CA ALA B 73 3.67 5.21 -5.43
C ALA B 73 5.06 4.57 -5.60
N LYS B 74 6.10 5.21 -5.03
CA LYS B 74 7.44 4.67 -5.07
C LYS B 74 7.56 3.46 -4.16
N ALA B 75 6.97 3.51 -2.96
CA ALA B 75 7.01 2.37 -2.03
C ALA B 75 6.36 1.13 -2.63
N SER B 76 5.34 1.31 -3.48
N SER B 76 5.34 1.33 -3.50
CA SER B 76 4.62 0.21 -4.11
CA SER B 76 4.60 0.27 -4.17
C SER B 76 5.51 -0.64 -5.05
C SER B 76 5.49 -0.60 -5.08
N THR B 77 6.71 -0.15 -5.39
CA THR B 77 7.66 -0.91 -6.23
C THR B 77 8.46 -1.94 -5.39
N VAL B 78 8.40 -1.85 -4.06
CA VAL B 78 9.21 -2.70 -3.18
C VAL B 78 8.60 -4.09 -2.91
N LYS B 79 9.45 -5.16 -2.94
CA LYS B 79 9.06 -6.49 -2.51
C LYS B 79 9.99 -6.81 -1.34
N ALA B 80 9.41 -6.97 -0.17
CA ALA B 80 10.19 -7.16 1.05
C ALA B 80 10.11 -8.59 1.51
N LYS B 81 11.25 -9.13 1.92
CA LYS B 81 11.27 -10.49 2.37
C LYS B 81 11.13 -10.60 3.88
N LEU B 82 10.56 -11.69 4.32
CA LEU B 82 10.47 -12.02 5.73
C LEU B 82 11.82 -12.70 6.11
N LEU B 83 12.52 -12.22 7.15
CA LEU B 83 13.77 -12.85 7.56
C LEU B 83 13.45 -14.11 8.36
N SER B 84 14.27 -15.15 8.21
CA SER B 84 14.14 -16.36 9.02
C SER B 84 14.59 -16.02 10.44
N ILE B 85 14.25 -16.87 11.42
CA ILE B 85 14.70 -16.67 12.79
C ILE B 85 16.22 -16.63 12.82
N GLU B 86 16.89 -17.54 12.08
CA GLU B 86 18.37 -17.54 12.09
C GLU B 86 18.98 -16.24 11.57
N GLU B 87 18.43 -15.69 10.48
CA GLU B 87 18.92 -14.43 9.92
C GLU B 87 18.74 -13.29 10.92
N ALA B 88 17.58 -13.25 11.59
CA ALA B 88 17.28 -12.18 12.56
C ALA B 88 18.19 -12.31 13.80
N CYS B 89 18.41 -13.52 14.27
CA CYS B 89 19.33 -13.79 15.39
C CYS B 89 20.76 -13.31 15.13
N LYS B 90 21.24 -13.52 13.90
CA LYS B 90 22.60 -13.16 13.45
C LYS B 90 22.78 -11.63 13.39
N LEU B 91 21.68 -10.83 13.28
CA LEU B 91 21.75 -9.37 13.30
C LEU B 91 21.75 -8.80 14.72
N THR B 92 21.62 -9.67 15.74
CA THR B 92 21.54 -9.19 17.10
C THR B 92 22.95 -8.92 17.64
N PRO B 93 23.22 -7.72 18.16
CA PRO B 93 24.55 -7.46 18.76
C PRO B 93 24.85 -8.42 19.92
N PRO B 94 26.10 -8.90 20.01
CA PRO B 94 26.49 -9.82 21.12
C PRO B 94 26.21 -9.29 22.53
N HIS B 95 26.17 -7.95 22.72
CA HIS B 95 25.90 -7.32 24.02
C HIS B 95 24.56 -6.65 24.14
N SER B 96 23.63 -7.01 23.22
CA SER B 96 22.26 -6.51 23.25
C SER B 96 21.62 -6.85 24.61
N ALA B 97 20.77 -5.94 25.12
CA ALA B 97 20.14 -6.08 26.43
C ALA B 97 19.40 -7.41 26.54
N LYS B 98 19.71 -8.17 27.61
CA LYS B 98 19.12 -9.49 27.78
C LYS B 98 17.61 -9.44 27.86
N SER B 99 16.97 -10.56 27.61
CA SER B 99 15.52 -10.61 27.71
C SER B 99 15.10 -10.77 29.17
N LYS B 100 13.88 -10.34 29.52
CA LYS B 100 13.38 -10.61 30.87
C LYS B 100 12.97 -12.08 30.98
N PHE B 101 12.93 -12.80 29.82
CA PHE B 101 12.53 -14.21 29.75
C PHE B 101 13.64 -15.27 29.96
N GLY B 102 14.76 -14.89 30.58
CA GLY B 102 15.80 -15.84 30.97
C GLY B 102 16.82 -16.26 29.95
N TYR B 103 17.10 -15.38 28.98
CA TYR B 103 18.12 -15.64 27.97
C TYR B 103 18.66 -14.29 27.54
N GLY B 104 19.84 -14.28 26.96
CA GLY B 104 20.46 -13.03 26.55
C GLY B 104 20.82 -13.03 25.10
N ALA B 105 21.61 -12.04 24.68
CA ALA B 105 22.01 -11.90 23.28
C ALA B 105 22.86 -13.05 22.78
N LYS B 106 23.77 -13.60 23.62
CA LYS B 106 24.61 -14.73 23.19
C LYS B 106 23.73 -15.95 22.89
N ASP B 107 22.65 -16.14 23.69
CA ASP B 107 21.68 -17.22 23.50
C ASP B 107 20.93 -17.01 22.19
N VAL B 108 20.54 -15.75 21.88
CA VAL B 108 19.87 -15.47 20.60
C VAL B 108 20.80 -15.84 19.43
N ARG B 109 22.06 -15.34 19.47
CA ARG B 109 23.03 -15.58 18.41
C ARG B 109 23.35 -17.05 18.23
N ASN B 110 23.26 -17.84 19.30
CA ASN B 110 23.52 -19.29 19.27
C ASN B 110 22.26 -20.09 19.01
N LEU B 111 21.10 -19.42 18.80
CA LEU B 111 19.79 -20.06 18.58
C LEU B 111 19.48 -21.10 19.67
N SER B 112 19.63 -20.70 20.95
CA SER B 112 19.35 -21.60 22.09
C SER B 112 17.87 -21.90 22.11
N SER B 113 17.48 -23.08 22.63
CA SER B 113 16.06 -23.45 22.68
C SER B 113 15.20 -22.44 23.43
N ARG B 114 15.65 -21.91 24.58
CA ARG B 114 14.87 -20.93 25.31
C ARG B 114 14.70 -19.61 24.49
N ALA B 115 15.77 -19.12 23.84
CA ALA B 115 15.67 -17.89 23.04
C ALA B 115 14.66 -18.11 21.89
N VAL B 116 14.84 -19.21 21.14
CA VAL B 116 13.97 -19.55 19.99
C VAL B 116 12.52 -19.74 20.45
N ASN B 117 12.31 -20.41 21.59
CA ASN B 117 10.94 -20.58 22.13
C ASN B 117 10.29 -19.24 22.39
N HIS B 118 11.05 -18.27 22.95
CA HIS B 118 10.50 -16.96 23.19
C HIS B 118 10.22 -16.23 21.87
N ILE B 119 11.20 -16.19 20.97
CA ILE B 119 11.05 -15.52 19.68
C ILE B 119 9.80 -16.07 18.94
N ARG B 120 9.66 -17.39 18.85
CA ARG B 120 8.49 -18.00 18.20
C ARG B 120 7.18 -17.58 18.90
N SER B 121 7.18 -17.56 20.25
N SER B 121 7.17 -17.57 20.25
CA SER B 121 6.02 -17.18 21.04
CA SER B 121 6.00 -17.19 21.01
C SER B 121 5.61 -15.72 20.80
C SER B 121 5.61 -15.72 20.78
N VAL B 122 6.60 -14.81 20.71
CA VAL B 122 6.34 -13.38 20.45
C VAL B 122 5.72 -13.24 19.04
N TRP B 123 6.30 -13.92 18.08
CA TRP B 123 5.83 -13.88 16.68
C TRP B 123 4.39 -14.34 16.59
N GLU B 124 4.08 -15.53 17.18
CA GLU B 124 2.71 -16.01 17.19
C GLU B 124 1.78 -15.02 17.91
N ASP B 125 2.26 -14.39 19.01
CA ASP B 125 1.42 -13.43 19.71
C ASP B 125 1.14 -12.16 18.86
N LEU B 126 2.07 -11.77 17.94
CA LEU B 126 1.82 -10.66 17.03
C LEU B 126 0.69 -11.03 16.08
N LEU B 127 0.54 -12.32 15.79
CA LEU B 127 -0.57 -12.76 14.90
C LEU B 127 -1.87 -12.91 15.65
N GLU B 128 -1.80 -13.37 16.90
CA GLU B 128 -2.97 -13.66 17.71
C GLU B 128 -3.57 -12.46 18.41
N ASP B 129 -2.77 -11.41 18.65
CA ASP B 129 -3.24 -10.27 19.42
C ASP B 129 -2.85 -9.02 18.62
N THR B 130 -3.84 -8.25 18.20
CA THR B 130 -3.63 -7.11 17.32
C THR B 130 -3.65 -5.78 18.03
N GLU B 131 -3.89 -5.78 19.36
CA GLU B 131 -4.09 -4.51 20.07
C GLU B 131 -3.43 -4.28 21.41
N THR B 132 -3.10 -5.34 22.18
CA THR B 132 -2.57 -5.14 23.55
C THR B 132 -1.24 -4.38 23.50
N PRO B 133 -1.12 -3.18 24.10
CA PRO B 133 0.17 -2.47 24.04
C PRO B 133 1.30 -3.36 24.57
N ILE B 134 2.45 -3.31 23.88
CA ILE B 134 3.62 -4.10 24.24
C ILE B 134 4.44 -3.29 25.25
N ASP B 135 4.92 -3.99 26.28
CA ASP B 135 5.72 -3.34 27.32
C ASP B 135 7.05 -2.81 26.77
N THR B 136 7.49 -1.68 27.33
CA THR B 136 8.81 -1.15 26.97
C THR B 136 9.51 -0.74 28.27
N THR B 137 10.82 -0.67 28.19
CA THR B 137 11.65 -0.18 29.30
C THR B 137 12.09 1.20 28.89
N ILE B 138 12.12 2.15 29.86
CA ILE B 138 12.63 3.49 29.63
C ILE B 138 13.86 3.65 30.52
N MET B 139 14.95 4.16 29.95
CA MET B 139 16.22 4.33 30.66
C MET B 139 16.85 5.66 30.25
N ALA B 140 17.63 6.26 31.15
CA ALA B 140 18.39 7.46 30.81
C ALA B 140 19.65 6.95 30.13
N LYS B 141 19.98 7.54 28.97
CA LYS B 141 21.15 7.15 28.23
C LYS B 141 22.38 7.85 28.83
N SER B 142 23.47 7.11 28.98
CA SER B 142 24.73 7.66 29.45
C SER B 142 25.54 8.16 28.24
N GLU B 143 25.65 9.50 28.06
CA GLU B 143 26.45 10.05 26.95
C GLU B 143 27.43 11.09 27.51
N VAL B 144 28.62 11.18 26.92
CA VAL B 144 29.68 12.10 27.35
C VAL B 144 29.70 13.40 26.54
N PHE B 145 29.75 14.55 27.23
CA PHE B 145 29.82 15.85 26.58
C PHE B 145 30.85 16.71 27.34
N CYS B 146 31.19 17.85 26.75
CA CYS B 146 32.03 18.84 27.37
C CYS B 146 31.06 19.95 27.78
N VAL B 147 31.28 20.55 28.96
CA VAL B 147 30.47 21.66 29.50
C VAL B 147 30.29 22.82 28.52
N GLN B 148 29.13 23.52 28.60
CA GLN B 148 28.69 24.68 27.79
C GLN B 148 29.77 25.37 26.94
N ARG B 154 24.48 22.20 31.45
CA ARG B 154 24.62 20.77 31.21
C ARG B 154 23.47 20.25 30.38
N LYS B 155 23.75 19.28 29.47
CA LYS B 155 22.69 18.66 28.69
C LYS B 155 22.07 17.55 29.56
N PRO B 156 20.73 17.52 29.69
CA PRO B 156 20.13 16.40 30.45
C PRO B 156 20.24 15.10 29.66
N ALA B 157 20.22 13.94 30.35
CA ALA B 157 20.31 12.63 29.69
C ALA B 157 19.17 12.45 28.70
N ARG B 158 19.45 11.78 27.58
CA ARG B 158 18.41 11.46 26.62
C ARG B 158 17.69 10.21 27.17
N LEU B 159 16.43 10.01 26.79
CA LEU B 159 15.68 8.84 27.25
C LEU B 159 15.63 7.79 26.15
N ILE B 160 15.89 6.55 26.50
CA ILE B 160 15.82 5.44 25.53
C ILE B 160 14.59 4.59 25.88
N VAL B 161 13.79 4.19 24.86
CA VAL B 161 12.57 3.39 25.10
C VAL B 161 12.70 2.20 24.17
N PHE B 162 12.69 0.98 24.75
CA PHE B 162 12.87 -0.22 23.94
C PHE B 162 12.06 -1.40 24.43
N PRO B 163 11.64 -2.29 23.50
CA PRO B 163 10.89 -3.47 23.94
C PRO B 163 11.87 -4.63 24.25
N ASP B 164 11.34 -5.75 24.77
CA ASP B 164 12.16 -6.92 25.12
C ASP B 164 12.91 -7.48 23.93
N LEU B 165 14.06 -8.10 24.19
CA LEU B 165 14.89 -8.76 23.17
C LEU B 165 14.08 -9.65 22.23
N GLY B 166 13.12 -10.43 22.74
CA GLY B 166 12.31 -11.29 21.88
C GLY B 166 11.51 -10.50 20.84
N VAL B 167 11.00 -9.35 21.24
CA VAL B 167 10.25 -8.48 20.35
C VAL B 167 11.22 -7.88 19.29
N ARG B 168 12.42 -7.43 19.74
CA ARG B 168 13.40 -6.88 18.78
C ARG B 168 13.76 -7.86 17.68
N VAL B 169 13.88 -9.16 18.00
CA VAL B 169 14.19 -10.18 16.98
C VAL B 169 13.03 -10.30 15.99
N CYS B 170 11.80 -10.24 16.52
CA CYS B 170 10.58 -10.29 15.67
C CYS B 170 10.49 -9.09 14.77
N GLU B 171 10.85 -7.89 15.29
CA GLU B 171 10.90 -6.70 14.44
C GLU B 171 11.80 -6.95 13.23
N LYS B 172 12.99 -7.55 13.46
CA LYS B 172 13.92 -7.85 12.39
C LYS B 172 13.26 -8.76 11.36
N MET B 173 12.60 -9.84 11.83
CA MET B 173 11.97 -10.76 10.87
C MET B 173 10.96 -10.05 9.98
N ALA B 174 10.11 -9.19 10.57
CA ALA B 174 9.06 -8.53 9.80
C ALA B 174 9.54 -7.34 8.98
N LEU B 175 10.53 -6.60 9.48
CA LEU B 175 10.88 -5.29 8.98
C LEU B 175 12.29 -4.99 8.59
N TYR B 176 13.25 -5.89 8.87
CA TYR B 176 14.62 -5.56 8.52
C TYR B 176 14.77 -5.27 7.04
N ASP B 177 14.20 -6.10 6.17
CA ASP B 177 14.30 -5.85 4.72
C ASP B 177 13.58 -4.54 4.30
N VAL B 178 12.39 -4.28 4.89
CA VAL B 178 11.62 -3.06 4.61
C VAL B 178 12.49 -1.83 4.97
N VAL B 179 13.00 -1.79 6.21
CA VAL B 179 13.76 -0.62 6.64
C VAL B 179 15.11 -0.44 5.95
N SER B 180 15.62 -1.52 5.33
CA SER B 180 16.90 -1.48 4.65
C SER B 180 16.74 -1.05 3.20
N THR B 181 15.59 -1.36 2.56
CA THR B 181 15.40 -1.12 1.12
C THR B 181 14.37 -0.06 0.77
N LEU B 182 13.32 0.07 1.57
CA LEU B 182 12.30 1.05 1.26
C LEU B 182 12.76 2.53 1.26
N PRO B 183 13.58 3.01 2.23
CA PRO B 183 13.91 4.45 2.22
C PRO B 183 14.53 4.91 0.91
N GLN B 184 15.48 4.16 0.35
CA GLN B 184 16.11 4.55 -0.92
C GLN B 184 15.08 4.44 -2.05
N ALA B 185 14.18 3.45 -2.00
CA ALA B 185 13.17 3.32 -3.07
C ALA B 185 12.26 4.55 -3.12
N VAL B 186 11.94 5.07 -1.95
CA VAL B 186 11.04 6.19 -1.80
C VAL B 186 11.72 7.53 -2.01
N MET B 187 12.88 7.71 -1.39
CA MET B 187 13.55 9.02 -1.37
C MET B 187 14.68 9.20 -2.35
N GLY B 188 15.09 8.10 -3.00
CA GLY B 188 16.16 8.14 -3.98
C GLY B 188 17.43 8.77 -3.45
N SER B 189 18.02 9.69 -4.25
CA SER B 189 19.27 10.33 -3.86
C SER B 189 19.20 11.16 -2.57
N SER B 190 17.99 11.52 -2.11
CA SER B 190 17.84 12.32 -0.89
C SER B 190 18.07 11.48 0.37
N TYR B 191 18.08 10.15 0.25
CA TYR B 191 18.27 9.29 1.43
C TYR B 191 19.74 9.30 1.84
N GLY B 192 20.04 9.91 2.96
CA GLY B 192 21.42 10.12 3.33
C GLY B 192 22.26 8.91 3.67
N PHE B 193 21.62 7.82 4.20
CA PHE B 193 22.37 6.66 4.68
C PHE B 193 22.94 5.77 3.59
N GLN B 194 22.63 6.05 2.34
CA GLN B 194 23.21 5.24 1.24
C GLN B 194 24.64 5.72 0.89
N TYR B 195 25.10 6.81 1.54
CA TYR B 195 26.39 7.42 1.17
C TYR B 195 27.49 7.17 2.17
N SER B 196 28.65 6.82 1.65
CA SER B 196 29.88 6.78 2.45
C SER B 196 30.24 8.30 2.68
N PRO B 197 31.20 8.65 3.56
CA PRO B 197 31.53 10.08 3.74
C PRO B 197 31.94 10.78 2.42
N LYS B 198 32.79 10.13 1.59
CA LYS B 198 33.22 10.76 0.33
C LYS B 198 32.01 10.94 -0.58
N GLN B 199 31.09 9.95 -0.57
CA GLN B 199 29.88 10.06 -1.40
C GLN B 199 28.95 11.18 -0.93
N ARG B 200 28.84 11.38 0.39
CA ARG B 200 28.00 12.42 0.94
C ARG B 200 28.54 13.79 0.54
N VAL B 201 29.85 13.98 0.68
CA VAL B 201 30.43 15.27 0.30
C VAL B 201 30.26 15.52 -1.22
N GLU B 202 30.42 14.47 -2.05
CA GLU B 202 30.24 14.55 -3.51
C GLU B 202 28.81 14.98 -3.81
N PHE B 203 27.82 14.35 -3.14
CA PHE B 203 26.41 14.70 -3.35
C PHE B 203 26.16 16.18 -2.96
N LEU B 204 26.69 16.63 -1.81
CA LEU B 204 26.50 18.02 -1.36
C LEU B 204 27.14 19.02 -2.34
N VAL B 205 28.39 18.75 -2.72
CA VAL B 205 29.14 19.58 -3.67
C VAL B 205 28.43 19.63 -5.01
N ASN B 206 28.08 18.47 -5.60
CA ASN B 206 27.39 18.40 -6.90
C ASN B 206 26.00 19.02 -6.88
N THR B 207 25.28 18.86 -5.74
CA THR B 207 23.96 19.47 -5.60
C THR B 207 24.12 20.99 -5.58
N TRP B 208 25.08 21.51 -4.80
CA TRP B 208 25.38 22.93 -4.67
C TRP B 208 25.75 23.54 -6.04
N LYS B 209 26.60 22.82 -6.81
CA LYS B 209 27.05 23.25 -8.15
C LYS B 209 25.92 23.22 -9.20
N SER B 210 24.96 22.30 -9.04
CA SER B 210 23.81 22.14 -9.95
C SER B 210 22.83 23.32 -9.96
N LYS B 211 22.96 24.26 -9.00
CA LYS B 211 22.07 25.42 -8.89
C LYS B 211 22.74 26.65 -9.49
N LYS B 212 21.97 27.48 -10.25
CA LYS B 212 22.45 28.72 -10.88
C LYS B 212 22.96 29.65 -9.79
N CYS B 213 22.13 29.84 -8.75
CA CYS B 213 22.44 30.65 -7.59
C CYS B 213 21.98 29.86 -6.34
N PRO B 214 22.86 29.03 -5.74
CA PRO B 214 22.44 28.22 -4.60
C PRO B 214 22.26 28.92 -3.27
N MET B 215 21.31 28.40 -2.50
CA MET B 215 21.03 28.76 -1.12
C MET B 215 20.75 27.43 -0.44
N GLY B 216 21.26 27.27 0.76
CA GLY B 216 21.03 26.04 1.51
C GLY B 216 20.83 26.31 2.97
N PHE B 217 20.18 25.37 3.65
CA PHE B 217 19.96 25.52 5.07
C PHE B 217 19.78 24.17 5.68
N SER B 218 20.10 24.06 6.96
CA SER B 218 19.84 22.86 7.74
C SER B 218 18.59 23.17 8.55
N TYR B 219 17.76 22.16 8.84
CA TYR B 219 16.58 22.38 9.66
C TYR B 219 16.64 21.48 10.87
N ASP B 220 16.63 22.09 12.05
CA ASP B 220 16.70 21.33 13.28
C ASP B 220 15.32 21.29 13.90
N THR B 221 14.75 20.08 14.04
CA THR B 221 13.44 19.94 14.70
C THR B 221 13.73 19.78 16.17
N ARG B 222 12.94 20.44 17.03
CA ARG B 222 13.19 20.23 18.45
C ARG B 222 12.56 18.92 18.92
N CYS B 223 13.35 18.07 19.61
CA CYS B 223 12.93 16.79 20.21
C CYS B 223 12.13 16.00 19.17
N PHE B 224 12.71 15.77 17.99
CA PHE B 224 11.99 15.15 16.87
C PHE B 224 11.11 13.96 17.28
N ASP B 225 11.63 13.02 18.10
CA ASP B 225 10.87 11.83 18.51
C ASP B 225 9.54 12.19 19.16
N SER B 226 9.54 13.23 20.02
N SER B 226 9.53 13.26 19.99
CA SER B 226 8.32 13.65 20.69
CA SER B 226 8.31 13.71 20.67
C SER B 226 7.33 14.38 19.79
C SER B 226 7.32 14.36 19.75
N THR B 227 7.78 14.94 18.63
CA THR B 227 6.92 15.65 17.69
C THR B 227 6.17 14.64 16.81
N VAL B 228 6.65 13.37 16.79
CA VAL B 228 6.08 12.32 15.95
C VAL B 228 4.75 11.93 16.53
N THR B 229 3.67 12.11 15.77
CA THR B 229 2.32 11.82 16.26
C THR B 229 1.86 10.41 15.94
N GLU B 230 0.72 10.00 16.54
CA GLU B 230 0.11 8.71 16.25
C GLU B 230 -0.23 8.70 14.75
N SER B 231 -0.74 9.82 14.21
CA SER B 231 -1.05 9.92 12.78
C SER B 231 0.24 9.68 11.94
N ASP B 232 1.37 10.30 12.34
CA ASP B 232 2.66 10.12 11.59
C ASP B 232 3.07 8.64 11.56
N ILE B 233 2.91 7.93 12.68
CA ILE B 233 3.33 6.53 12.77
C ILE B 233 2.40 5.63 11.91
N ARG B 234 1.11 5.98 11.87
CA ARG B 234 0.16 5.27 10.98
C ARG B 234 0.42 5.58 9.53
N VAL B 235 0.86 6.81 9.21
CA VAL B 235 1.20 7.20 7.84
C VAL B 235 2.46 6.41 7.44
N GLU B 236 3.43 6.29 8.35
CA GLU B 236 4.64 5.50 8.11
C GLU B 236 4.24 4.04 7.79
N GLU B 237 3.33 3.45 8.59
CA GLU B 237 2.86 2.09 8.31
C GLU B 237 2.17 2.02 6.93
N SER B 238 1.38 3.07 6.58
CA SER B 238 0.71 3.10 5.27
C SER B 238 1.73 2.95 4.13
N ILE B 239 2.94 3.53 4.32
CA ILE B 239 4.02 3.40 3.35
C ILE B 239 4.58 1.98 3.34
N TYR B 240 4.88 1.39 4.52
CA TYR B 240 5.36 0.00 4.60
C TYR B 240 4.36 -0.95 3.98
N GLN B 241 3.04 -0.69 4.18
CA GLN B 241 2.00 -1.60 3.66
C GLN B 241 1.91 -1.62 2.12
N CYS B 242 2.59 -0.67 1.42
CA CYS B 242 2.63 -0.64 -0.03
C CYS B 242 3.60 -1.71 -0.56
N CYS B 243 4.50 -2.22 0.30
CA CYS B 243 5.40 -3.30 -0.13
C CYS B 243 4.61 -4.54 -0.42
N ASP B 244 5.21 -5.43 -1.25
CA ASP B 244 4.72 -6.78 -1.38
C ASP B 244 5.29 -7.45 -0.12
N LEU B 245 4.42 -8.06 0.66
CA LEU B 245 4.82 -8.68 1.95
C LEU B 245 4.20 -10.04 2.12
N ALA B 246 4.90 -10.90 2.83
CA ALA B 246 4.34 -12.20 3.23
C ALA B 246 3.16 -11.88 4.18
N PRO B 247 2.07 -12.67 4.17
CA PRO B 247 0.90 -12.35 5.02
C PRO B 247 1.22 -12.19 6.51
N GLU B 248 2.10 -13.05 7.05
CA GLU B 248 2.49 -12.95 8.46
C GLU B 248 3.30 -11.70 8.72
N ALA B 249 4.12 -11.28 7.73
CA ALA B 249 4.88 -10.02 7.87
C ALA B 249 3.89 -8.86 7.84
N ARG B 250 2.85 -8.93 6.98
CA ARG B 250 1.85 -7.86 6.94
C ARG B 250 1.14 -7.72 8.29
N GLN B 251 0.74 -8.85 8.87
CA GLN B 251 0.07 -8.81 10.17
C GLN B 251 1.06 -8.34 11.26
N ALA B 252 2.29 -8.85 11.23
CA ALA B 252 3.28 -8.41 12.22
C ALA B 252 3.50 -6.90 12.16
N ILE B 253 3.54 -6.32 10.97
CA ILE B 253 3.71 -4.87 10.84
C ILE B 253 2.52 -4.15 11.41
N ARG B 254 1.31 -4.66 11.11
CA ARG B 254 0.07 -4.08 11.58
C ARG B 254 0.04 -4.12 13.12
N SER B 255 0.31 -5.31 13.71
CA SER B 255 0.30 -5.49 15.16
C SER B 255 1.41 -4.68 15.84
N LEU B 256 2.62 -4.69 15.27
CA LEU B 256 3.74 -3.88 15.87
C LEU B 256 3.37 -2.39 15.82
N THR B 257 2.74 -1.92 14.72
CA THR B 257 2.34 -0.51 14.66
C THR B 257 1.38 -0.18 15.80
N GLU B 258 0.29 -0.96 15.95
CA GLU B 258 -0.72 -0.67 16.97
C GLU B 258 -0.28 -0.91 18.37
N ARG B 259 0.55 -1.92 18.59
CA ARG B 259 0.92 -2.31 19.96
C ARG B 259 2.23 -1.69 20.45
N LEU B 260 3.10 -1.30 19.52
CA LEU B 260 4.41 -0.82 19.93
C LEU B 260 4.76 0.53 19.35
N TYR B 261 4.72 0.65 18.03
CA TYR B 261 5.21 1.90 17.40
C TYR B 261 4.41 3.16 17.75
N ILE B 262 3.07 3.09 17.79
CA ILE B 262 2.25 4.26 18.12
C ILE B 262 2.37 4.68 19.57
N GLY B 263 2.78 3.75 20.42
CA GLY B 263 2.89 4.06 21.83
C GLY B 263 2.68 2.88 22.73
N GLY B 264 2.74 3.13 24.02
CA GLY B 264 2.61 2.04 24.97
C GLY B 264 3.14 2.41 26.36
N PRO B 265 2.97 1.48 27.31
CA PRO B 265 3.42 1.75 28.68
C PRO B 265 4.95 1.76 28.81
N LEU B 266 5.44 2.55 29.76
CA LEU B 266 6.86 2.73 30.02
C LEU B 266 7.13 2.16 31.38
N THR B 267 8.02 1.19 31.44
CA THR B 267 8.41 0.55 32.69
C THR B 267 9.84 0.95 33.02
N ASN B 268 10.11 1.31 34.28
CA ASN B 268 11.51 1.62 34.61
C ASN B 268 12.30 0.35 34.91
N SER B 269 13.59 0.47 35.24
CA SER B 269 14.46 -0.69 35.55
C SER B 269 14.01 -1.44 36.83
N LYS B 270 13.20 -0.78 37.68
CA LYS B 270 12.69 -1.39 38.92
C LYS B 270 11.37 -2.15 38.71
N GLY B 271 10.85 -2.16 37.48
CA GLY B 271 9.59 -2.83 37.17
C GLY B 271 8.37 -1.99 37.46
N GLN B 272 8.57 -0.68 37.71
CA GLN B 272 7.48 0.22 38.00
C GLN B 272 6.93 0.89 36.76
N ASN B 273 5.62 1.13 36.73
CA ASN B 273 5.00 1.86 35.64
C ASN B 273 5.32 3.36 35.76
N CYS B 274 6.11 3.90 34.78
CA CYS B 274 6.54 5.30 34.71
C CYS B 274 5.56 6.17 33.98
N GLY B 275 4.80 5.57 33.09
CA GLY B 275 3.84 6.35 32.33
C GLY B 275 3.55 5.74 30.99
N TYR B 276 3.14 6.59 30.07
CA TYR B 276 2.71 6.16 28.75
C TYR B 276 3.28 7.06 27.68
N ARG B 277 3.69 6.46 26.56
CA ARG B 277 4.28 7.15 25.40
C ARG B 277 3.26 7.17 24.27
N ARG B 278 3.13 8.30 23.59
CA ARG B 278 2.26 8.46 22.42
C ARG B 278 3.05 9.12 21.28
N CYS B 279 4.34 8.81 21.23
CA CYS B 279 5.26 9.36 20.22
C CYS B 279 6.28 8.29 19.84
N ARG B 280 7.28 8.68 19.04
CA ARG B 280 8.29 7.74 18.58
C ARG B 280 9.12 7.16 19.74
N ALA B 281 9.28 5.82 19.74
CA ALA B 281 10.20 5.15 20.67
C ALA B 281 11.59 5.25 20.06
N SER B 282 12.60 5.66 20.85
CA SER B 282 13.97 5.78 20.33
C SER B 282 14.65 4.44 20.02
N GLY B 283 14.18 3.37 20.66
CA GLY B 283 14.82 2.06 20.58
C GLY B 283 14.04 0.96 19.90
N VAL B 284 13.54 1.26 18.70
CA VAL B 284 12.87 0.23 17.91
C VAL B 284 13.53 0.14 16.54
N LEU B 285 13.27 -0.95 15.81
CA LEU B 285 13.94 -1.09 14.51
C LEU B 285 13.57 0.02 13.50
N THR B 286 12.31 0.51 13.56
CA THR B 286 11.79 1.48 12.61
C THR B 286 12.11 2.94 12.94
N THR B 287 12.86 3.19 14.04
CA THR B 287 13.14 4.58 14.44
C THR B 287 13.83 5.35 13.32
N SER B 288 14.91 4.81 12.76
CA SER B 288 15.65 5.58 11.77
C SER B 288 14.85 5.78 10.49
N CYS B 289 14.27 4.68 9.96
CA CYS B 289 13.50 4.68 8.70
C CYS B 289 12.27 5.55 8.85
N GLY B 290 11.55 5.37 9.97
CA GLY B 290 10.36 6.16 10.30
C GLY B 290 10.66 7.64 10.40
N ASN B 291 11.72 7.99 11.14
CA ASN B 291 12.10 9.40 11.28
C ASN B 291 12.51 9.98 9.95
N THR B 292 13.29 9.21 9.15
CA THR B 292 13.71 9.71 7.85
C THR B 292 12.52 9.95 6.94
N LEU B 293 11.61 8.99 6.85
CA LEU B 293 10.42 9.16 5.99
C LEU B 293 9.55 10.32 6.46
N THR B 294 9.36 10.45 7.78
CA THR B 294 8.51 11.51 8.34
C THR B 294 9.12 12.88 8.10
N CYS B 295 10.41 12.98 8.33
CA CYS B 295 11.15 14.21 8.10
C CYS B 295 11.12 14.61 6.63
N TYR B 296 11.38 13.66 5.73
CA TYR B 296 11.32 13.88 4.29
C TYR B 296 9.93 14.33 3.84
N LEU B 297 8.89 13.66 4.32
CA LEU B 297 7.52 13.99 3.94
C LEU B 297 7.17 15.40 4.38
N LYS B 298 7.38 15.70 5.67
CA LYS B 298 7.02 17.02 6.21
C LYS B 298 7.82 18.13 5.50
N ALA B 299 9.12 17.89 5.31
CA ALA B 299 10.00 18.87 4.64
C ALA B 299 9.67 19.06 3.18
N THR B 300 9.37 17.98 2.44
CA THR B 300 9.03 18.09 1.03
C THR B 300 7.77 18.92 0.84
N ALA B 301 6.76 18.63 1.67
CA ALA B 301 5.48 19.34 1.67
C ALA B 301 5.68 20.80 2.12
N ALA B 302 6.51 21.03 3.15
CA ALA B 302 6.78 22.40 3.64
C ALA B 302 7.47 23.26 2.55
N CYS B 303 8.40 22.68 1.78
N CYS B 303 8.41 22.68 1.76
N CYS B 303 8.41 22.68 1.76
CA CYS B 303 9.12 23.33 0.68
CA CYS B 303 9.11 23.38 0.67
CA CYS B 303 9.11 23.38 0.67
C CYS B 303 8.12 23.87 -0.36
C CYS B 303 8.10 23.90 -0.35
C CYS B 303 8.10 23.90 -0.35
N ARG B 304 7.06 23.09 -0.65
CA ARG B 304 5.99 23.47 -1.59
C ARG B 304 5.14 24.60 -1.00
N ALA B 305 4.80 24.51 0.31
CA ALA B 305 4.03 25.54 1.01
C ALA B 305 4.81 26.87 1.07
N ALA B 306 6.14 26.79 1.27
CA ALA B 306 7.09 27.91 1.38
C ALA B 306 7.42 28.56 0.04
N LYS B 307 7.13 27.86 -1.06
CA LYS B 307 7.44 28.23 -2.44
C LYS B 307 8.96 28.31 -2.68
N LEU B 308 9.72 27.44 -1.98
CA LEU B 308 11.17 27.35 -2.19
C LEU B 308 11.35 26.69 -3.56
N GLN B 309 12.28 27.21 -4.37
CA GLN B 309 12.50 26.76 -5.76
C GLN B 309 13.61 25.72 -5.91
N ASP B 310 13.36 24.69 -6.75
CA ASP B 310 14.31 23.62 -7.12
C ASP B 310 15.06 23.07 -5.89
N CYS B 311 14.28 22.59 -4.92
CA CYS B 311 14.75 22.01 -3.67
C CYS B 311 15.35 20.64 -3.90
N THR B 312 16.48 20.38 -3.26
CA THR B 312 17.10 19.06 -3.22
C THR B 312 17.36 18.83 -1.74
N MET B 313 16.80 17.75 -1.19
CA MET B 313 16.94 17.43 0.23
C MET B 313 17.97 16.34 0.44
N LEU B 314 18.57 16.31 1.63
CA LEU B 314 19.45 15.22 2.06
C LEU B 314 19.00 14.95 3.48
N VAL B 315 18.39 13.78 3.71
CA VAL B 315 17.78 13.45 5.00
C VAL B 315 18.41 12.23 5.62
N ASN B 316 18.71 12.29 6.93
CA ASN B 316 19.24 11.17 7.73
C ASN B 316 18.51 11.23 9.05
N GLY B 317 17.49 10.40 9.24
CA GLY B 317 16.71 10.45 10.48
C GLY B 317 16.04 11.81 10.61
N ASP B 318 16.28 12.51 11.74
CA ASP B 318 15.73 13.85 11.95
C ASP B 318 16.63 14.96 11.37
N ASP B 319 17.77 14.58 10.79
CA ASP B 319 18.73 15.56 10.23
C ASP B 319 18.41 15.88 8.78
N LEU B 320 18.22 17.17 8.51
CA LEU B 320 17.77 17.65 7.22
C LEU B 320 18.56 18.82 6.72
N VAL B 321 19.01 18.71 5.49
CA VAL B 321 19.64 19.82 4.77
C VAL B 321 18.91 19.97 3.43
N VAL B 322 18.65 21.22 3.06
CA VAL B 322 17.95 21.59 1.83
C VAL B 322 18.84 22.55 1.05
N ILE B 323 19.05 22.25 -0.24
CA ILE B 323 19.80 23.13 -1.14
C ILE B 323 18.82 23.46 -2.26
N CYS B 324 18.60 24.76 -2.47
CA CYS B 324 17.63 25.23 -3.44
C CYS B 324 18.19 26.37 -4.31
N GLU B 325 17.33 26.84 -5.22
CA GLU B 325 17.63 27.95 -6.11
C GLU B 325 17.22 29.25 -5.35
N SER B 326 18.18 30.15 -5.11
CA SER B 326 17.94 31.41 -4.41
C SER B 326 17.00 32.32 -5.23
N ALA B 327 16.11 33.04 -4.55
CA ALA B 327 15.20 34.00 -5.18
C ALA B 327 15.60 35.41 -4.73
N GLY B 328 16.78 35.52 -4.13
CA GLY B 328 17.32 36.74 -3.55
C GLY B 328 17.22 36.70 -2.04
N THR B 329 18.08 37.47 -1.35
CA THR B 329 18.22 37.52 0.12
C THR B 329 16.90 37.67 0.88
N GLN B 330 16.10 38.70 0.54
CA GLN B 330 14.85 38.98 1.25
C GLN B 330 13.78 37.94 0.96
N GLU B 331 13.69 37.46 -0.30
CA GLU B 331 12.74 36.44 -0.73
C GLU B 331 13.07 35.10 -0.03
N ASP B 332 14.39 34.74 0.05
CA ASP B 332 14.82 33.50 0.70
C ASP B 332 14.53 33.49 2.20
N ALA B 333 14.76 34.64 2.89
CA ALA B 333 14.52 34.72 4.32
C ALA B 333 13.02 34.60 4.63
N ALA B 334 12.16 35.10 3.72
CA ALA B 334 10.70 35.02 3.87
C ALA B 334 10.24 33.58 3.58
N ALA B 335 10.82 32.96 2.53
CA ALA B 335 10.49 31.57 2.16
C ALA B 335 10.86 30.63 3.31
N LEU B 336 12.01 30.87 3.99
CA LEU B 336 12.44 30.05 5.12
C LEU B 336 11.55 30.21 6.34
N ARG B 337 10.98 31.44 6.54
CA ARG B 337 10.04 31.70 7.63
C ARG B 337 8.77 30.89 7.39
N ALA B 338 8.28 30.86 6.12
CA ALA B 338 7.10 30.11 5.68
C ALA B 338 7.36 28.61 5.83
N PHE B 339 8.57 28.16 5.47
CA PHE B 339 8.95 26.74 5.62
C PHE B 339 8.84 26.29 7.09
N THR B 340 9.39 27.11 8.02
CA THR B 340 9.37 26.85 9.47
C THR B 340 7.93 26.80 10.00
N GLU B 341 7.06 27.73 9.56
CA GLU B 341 5.65 27.78 9.94
C GLU B 341 4.94 26.49 9.42
N ALA B 342 5.23 26.06 8.17
CA ALA B 342 4.61 24.84 7.62
C ALA B 342 5.07 23.61 8.42
N MET B 343 6.39 23.49 8.70
CA MET B 343 6.92 22.39 9.51
C MET B 343 6.27 22.38 10.87
N THR B 344 6.06 23.58 11.46
CA THR B 344 5.41 23.67 12.77
C THR B 344 3.99 23.11 12.70
N ARG B 345 3.21 23.52 11.69
CA ARG B 345 1.83 23.02 11.49
C ARG B 345 1.84 21.50 11.37
N TYR B 346 2.87 20.93 10.73
CA TYR B 346 2.98 19.47 10.56
C TYR B 346 3.52 18.75 11.77
N SER B 347 3.72 19.47 12.89
CA SER B 347 4.28 18.91 14.12
C SER B 347 5.75 18.56 13.95
N ALA B 348 6.54 19.52 13.42
CA ALA B 348 7.99 19.39 13.36
C ALA B 348 8.52 20.79 13.68
N PRO B 349 8.17 21.33 14.89
CA PRO B 349 8.60 22.70 15.23
C PRO B 349 10.12 22.81 15.34
N PRO B 350 10.68 24.01 15.17
CA PRO B 350 12.15 24.11 15.12
C PRO B 350 12.86 24.17 16.47
N GLY B 351 14.11 23.70 16.49
CA GLY B 351 14.99 23.84 17.63
C GLY B 351 15.67 25.19 17.41
N ASP B 352 16.90 25.17 16.91
CA ASP B 352 17.59 26.41 16.50
C ASP B 352 16.86 26.96 15.25
N PRO B 353 16.71 28.28 15.06
CA PRO B 353 16.02 28.77 13.86
C PRO B 353 16.85 28.53 12.60
N PRO B 354 16.26 28.05 11.47
CA PRO B 354 17.07 27.82 10.27
C PRO B 354 17.57 29.12 9.65
N GLN B 355 18.78 29.09 9.11
CA GLN B 355 19.42 30.26 8.51
C GLN B 355 19.76 30.03 7.04
N PRO B 356 19.37 30.93 6.11
CA PRO B 356 19.80 30.75 4.71
C PRO B 356 21.30 30.96 4.60
N GLU B 357 21.98 30.08 3.86
CA GLU B 357 23.43 30.13 3.69
C GLU B 357 23.73 30.15 2.20
N TYR B 358 24.74 30.94 1.81
CA TYR B 358 25.16 31.11 0.43
C TYR B 358 26.60 30.61 0.23
N ASP B 359 27.14 29.95 1.26
CA ASP B 359 28.44 29.28 1.27
C ASP B 359 28.19 27.87 1.82
N LEU B 360 28.43 26.84 0.98
CA LEU B 360 28.24 25.42 1.33
C LEU B 360 28.93 25.00 2.63
N GLU B 361 30.12 25.58 2.89
CA GLU B 361 30.94 25.31 4.07
C GLU B 361 30.31 25.85 5.36
N LEU B 362 29.34 26.78 5.25
CA LEU B 362 28.68 27.36 6.42
C LEU B 362 27.46 26.55 6.87
N ILE B 363 27.16 25.46 6.15
CA ILE B 363 26.03 24.63 6.51
C ILE B 363 26.52 23.50 7.41
N THR B 364 25.86 23.31 8.55
CA THR B 364 26.15 22.20 9.43
C THR B 364 24.96 21.23 9.32
N SER B 365 25.21 19.98 8.92
CA SER B 365 24.20 18.91 8.80
C SER B 365 24.85 17.62 9.29
N CYS B 366 24.12 16.80 10.10
CA CYS B 366 24.68 15.62 10.77
C CYS B 366 25.92 16.04 11.55
N SER B 367 25.83 17.25 12.19
CA SER B 367 26.86 17.91 13.02
C SER B 367 28.14 18.18 12.22
N SER B 368 28.08 18.02 10.90
CA SER B 368 29.26 18.15 10.06
C SER B 368 29.15 19.26 9.05
N ASN B 369 30.31 19.74 8.58
CA ASN B 369 30.37 20.77 7.55
C ASN B 369 31.43 20.41 6.51
N VAL B 370 31.22 20.87 5.29
CA VAL B 370 32.17 20.63 4.22
C VAL B 370 33.35 21.57 4.46
N SER B 371 34.57 21.05 4.29
CA SER B 371 35.76 21.89 4.36
C SER B 371 36.69 21.50 3.20
N VAL B 372 37.75 22.29 2.97
CA VAL B 372 38.66 22.09 1.84
C VAL B 372 40.08 21.93 2.34
N ALA B 373 40.80 21.02 1.72
CA ALA B 373 42.23 20.82 1.97
C ALA B 373 42.85 20.47 0.62
N HIS B 374 44.16 20.26 0.57
CA HIS B 374 44.85 19.93 -0.67
C HIS B 374 45.54 18.58 -0.51
N ASP B 375 45.53 17.73 -1.56
CA ASP B 375 46.24 16.47 -1.48
C ASP B 375 47.72 16.65 -1.90
N ALA B 376 48.51 15.55 -1.91
CA ALA B 376 49.95 15.54 -2.22
C ALA B 376 50.33 16.32 -3.50
N SER B 377 49.39 16.42 -4.46
CA SER B 377 49.60 17.13 -5.74
C SER B 377 49.07 18.57 -5.78
N GLY B 378 48.48 19.03 -4.67
CA GLY B 378 47.93 20.37 -4.56
C GLY B 378 46.48 20.48 -4.98
N LYS B 379 45.88 19.37 -5.42
CA LYS B 379 44.48 19.33 -5.85
C LYS B 379 43.55 19.59 -4.66
N ARG B 380 42.52 20.44 -4.86
CA ARG B 380 41.49 20.73 -3.87
C ARG B 380 40.71 19.44 -3.62
N VAL B 381 40.54 19.09 -2.34
CA VAL B 381 39.79 17.90 -1.90
C VAL B 381 38.77 18.38 -0.89
N TYR B 382 37.48 18.08 -1.13
CA TYR B 382 36.42 18.46 -0.20
C TYR B 382 36.22 17.29 0.73
N TYR B 383 35.97 17.59 2.01
CA TYR B 383 35.76 16.52 2.97
C TYR B 383 34.88 17.01 4.06
N LEU B 384 34.32 16.07 4.85
CA LEU B 384 33.46 16.48 5.96
C LEU B 384 34.20 16.48 7.26
N THR B 385 33.99 17.54 8.02
CA THR B 385 34.61 17.69 9.32
C THR B 385 33.53 18.08 10.31
N ARG B 386 33.91 18.23 11.56
CA ARG B 386 33.00 18.66 12.60
C ARG B 386 33.76 19.29 13.73
N ASP B 387 33.03 19.99 14.62
CA ASP B 387 33.66 20.55 15.80
C ASP B 387 34.20 19.33 16.57
N PRO B 388 35.52 19.29 16.92
CA PRO B 388 36.05 18.08 17.56
C PRO B 388 35.80 17.99 19.07
N THR B 389 35.05 18.94 19.67
CA THR B 389 34.82 18.93 21.13
C THR B 389 34.26 17.60 21.66
N THR B 390 33.06 17.20 21.19
CA THR B 390 32.45 15.94 21.66
C THR B 390 33.34 14.73 21.32
N PRO B 391 33.89 14.55 20.08
CA PRO B 391 34.80 13.41 19.84
C PRO B 391 36.00 13.34 20.78
N LEU B 392 36.64 14.49 21.09
CA LEU B 392 37.79 14.50 22.01
C LEU B 392 37.37 14.21 23.47
N ALA B 393 36.26 14.81 23.95
CA ALA B 393 35.73 14.54 25.30
C ALA B 393 35.39 13.05 25.45
N ARG B 394 34.78 12.44 24.41
CA ARG B 394 34.47 11.02 24.45
C ARG B 394 35.71 10.14 24.39
N ALA B 395 36.71 10.55 23.61
CA ALA B 395 37.99 9.82 23.50
C ALA B 395 38.74 9.82 24.84
N ALA B 396 38.64 10.92 25.61
CA ALA B 396 39.24 11.04 26.94
C ALA B 396 38.51 10.08 27.90
N TRP B 397 37.17 10.03 27.81
CA TRP B 397 36.38 9.15 28.65
C TRP B 397 36.78 7.70 28.37
N GLU B 398 36.84 7.34 27.09
CA GLU B 398 37.19 6.00 26.62
C GLU B 398 38.59 5.54 26.98
N THR B 399 39.54 6.50 27.16
CA THR B 399 40.92 6.21 27.59
C THR B 399 40.92 5.85 29.09
N ALA B 400 40.14 6.58 29.90
CA ALA B 400 40.09 6.39 31.35
C ALA B 400 39.17 5.26 31.81
N ARG B 401 38.02 5.06 31.11
CA ARG B 401 37.04 4.03 31.48
C ARG B 401 36.67 3.14 30.30
N HIS B 402 36.47 1.84 30.58
CA HIS B 402 36.04 0.88 29.56
C HIS B 402 34.57 1.13 29.19
N THR B 403 34.32 1.33 27.88
CA THR B 403 32.99 1.59 27.33
C THR B 403 32.63 0.48 26.35
N PRO B 404 31.33 0.10 26.20
CA PRO B 404 31.00 -0.94 25.20
C PRO B 404 31.24 -0.47 23.76
N ILE B 405 30.93 0.80 23.46
CA ILE B 405 31.14 1.35 22.11
C ILE B 405 32.34 2.29 22.10
N ASN B 406 33.26 2.08 21.16
CA ASN B 406 34.45 2.93 21.00
C ASN B 406 34.15 4.06 20.03
N SER B 407 33.71 5.22 20.55
CA SER B 407 33.40 6.34 19.67
C SER B 407 34.63 6.82 18.93
N TRP B 408 35.84 6.71 19.52
CA TRP B 408 37.06 7.13 18.83
C TRP B 408 37.29 6.38 17.52
N LEU B 409 36.96 5.09 17.49
CA LEU B 409 37.18 4.24 16.32
C LEU B 409 36.20 4.61 15.22
N GLY B 410 34.94 4.84 15.58
CA GLY B 410 33.93 5.29 14.62
C GLY B 410 34.32 6.66 14.09
N ASN B 411 34.89 7.51 14.97
CA ASN B 411 35.31 8.86 14.54
C ASN B 411 36.51 8.85 13.59
N ILE B 412 37.46 7.95 13.80
CA ILE B 412 38.61 7.83 12.89
C ILE B 412 38.10 7.34 11.55
N ILE B 413 37.20 6.35 11.55
CA ILE B 413 36.66 5.82 10.30
C ILE B 413 35.91 6.89 9.50
N MET B 414 34.97 7.59 10.15
CA MET B 414 34.12 8.57 9.46
C MET B 414 34.77 9.90 9.19
N TYR B 415 35.74 10.28 10.03
CA TYR B 415 36.43 11.57 9.94
C TYR B 415 37.92 11.42 9.68
N ALA B 416 38.31 10.31 9.03
CA ALA B 416 39.70 10.00 8.69
C ALA B 416 40.45 11.15 7.97
N PRO B 417 39.85 11.95 7.06
CA PRO B 417 40.64 13.01 6.40
C PRO B 417 40.85 14.25 7.27
N THR B 418 40.23 14.31 8.46
CA THR B 418 40.30 15.52 9.27
C THR B 418 41.62 15.68 9.98
N LEU B 419 42.00 16.93 10.23
CA LEU B 419 43.23 17.30 10.94
C LEU B 419 43.22 16.69 12.35
N TRP B 420 42.08 16.80 13.06
CA TRP B 420 41.93 16.31 14.42
C TRP B 420 41.89 14.80 14.53
N ALA B 421 41.20 14.11 13.58
CA ALA B 421 41.20 12.65 13.70
C ALA B 421 42.56 12.07 13.39
N ARG B 422 43.29 12.66 12.44
CA ARG B 422 44.59 12.16 12.03
C ARG B 422 45.67 12.48 13.06
N MET B 423 45.73 13.73 13.49
CA MET B 423 46.81 14.15 14.40
C MET B 423 46.60 13.77 15.84
N ILE B 424 45.35 13.80 16.33
CA ILE B 424 45.07 13.47 17.72
C ILE B 424 44.53 12.05 17.90
N LEU B 425 43.37 11.73 17.31
CA LEU B 425 42.80 10.41 17.56
C LEU B 425 43.67 9.22 17.13
N MET B 426 44.22 9.29 15.95
CA MET B 426 45.03 8.18 15.41
C MET B 426 46.31 8.07 16.24
N THR B 427 46.97 9.21 16.53
CA THR B 427 48.19 9.22 17.34
C THR B 427 47.94 8.63 18.72
N HIS B 428 46.97 9.18 19.46
CA HIS B 428 46.63 8.77 20.81
C HIS B 428 46.28 7.31 20.90
N PHE B 429 45.31 6.86 20.09
CA PHE B 429 44.86 5.47 20.16
C PHE B 429 45.84 4.43 19.64
N PHE B 430 46.60 4.74 18.61
CA PHE B 430 47.61 3.81 18.11
C PHE B 430 48.77 3.65 19.12
N SER B 431 49.11 4.72 19.88
CA SER B 431 50.14 4.65 20.94
C SER B 431 49.69 3.65 22.03
N ILE B 432 48.43 3.81 22.52
CA ILE B 432 47.83 2.94 23.56
C ILE B 432 47.77 1.49 23.10
N LEU B 433 47.19 1.26 21.91
CA LEU B 433 47.05 -0.09 21.35
C LEU B 433 48.41 -0.78 21.16
N LEU B 434 49.43 -0.03 20.70
CA LEU B 434 50.81 -0.52 20.51
C LEU B 434 51.39 -1.02 21.82
N ALA B 435 51.31 -0.18 22.88
CA ALA B 435 51.82 -0.44 24.23
C ALA B 435 51.14 -1.65 24.89
N GLN B 436 49.85 -1.85 24.59
CA GLN B 436 49.03 -2.94 25.14
C GLN B 436 49.03 -4.18 24.24
N GLU B 437 49.71 -4.12 23.06
CA GLU B 437 49.81 -5.20 22.08
C GLU B 437 48.40 -5.66 21.65
N GLN B 438 47.54 -4.67 21.34
CA GLN B 438 46.13 -4.90 21.00
C GLN B 438 45.69 -4.33 19.65
N LEU B 439 46.63 -3.99 18.77
CA LEU B 439 46.32 -3.47 17.43
C LEU B 439 45.42 -4.43 16.63
N GLY B 440 45.59 -5.73 16.84
CA GLY B 440 44.83 -6.74 16.10
C GLY B 440 43.54 -7.21 16.71
N LYS B 441 43.16 -6.64 17.87
CA LYS B 441 41.95 -6.96 18.63
C LYS B 441 40.75 -6.18 18.09
N ALA B 442 39.71 -6.91 17.64
CA ALA B 442 38.48 -6.36 17.09
C ALA B 442 37.76 -5.52 18.14
N LEU B 443 37.40 -4.28 17.78
CA LEU B 443 36.72 -3.40 18.72
C LEU B 443 35.38 -2.98 18.17
N ASP B 444 34.41 -2.74 19.07
CA ASP B 444 33.07 -2.33 18.66
C ASP B 444 32.96 -0.85 18.43
N CYS B 445 32.31 -0.51 17.33
CA CYS B 445 32.05 0.86 16.95
C CYS B 445 30.74 0.91 16.18
N GLN B 446 30.19 2.13 15.99
CA GLN B 446 28.91 2.26 15.32
C GLN B 446 29.03 3.08 14.06
N ILE B 447 28.43 2.62 12.96
CA ILE B 447 28.43 3.31 11.68
C ILE B 447 26.98 3.38 11.28
N TYR B 448 26.44 4.60 11.19
CA TYR B 448 25.02 4.81 10.85
C TYR B 448 24.06 4.00 11.76
N GLY B 449 24.39 3.94 13.05
CA GLY B 449 23.56 3.26 14.04
C GLY B 449 23.80 1.78 14.19
N ALA B 450 24.47 1.15 13.22
CA ALA B 450 24.73 -0.29 13.28
C ALA B 450 26.06 -0.59 13.96
N CYS B 451 26.12 -1.68 14.72
N CYS B 451 26.13 -1.70 14.69
CA CYS B 451 27.34 -2.08 15.42
CA CYS B 451 27.33 -2.12 15.39
C CYS B 451 28.25 -2.91 14.51
C CYS B 451 28.26 -2.94 14.50
N TYR B 452 29.56 -2.58 14.49
CA TYR B 452 30.56 -3.28 13.70
C TYR B 452 31.71 -3.64 14.65
N SER B 453 32.38 -4.76 14.39
CA SER B 453 33.53 -5.21 15.17
C SER B 453 34.71 -5.05 14.22
N ILE B 454 35.55 -4.02 14.48
CA ILE B 454 36.63 -3.67 13.56
C ILE B 454 37.99 -3.72 14.27
N GLU B 455 38.98 -4.29 13.58
CA GLU B 455 40.36 -4.36 14.05
C GLU B 455 41.06 -3.05 13.66
N PRO B 456 41.72 -2.33 14.60
CA PRO B 456 42.43 -1.10 14.20
C PRO B 456 43.43 -1.33 13.07
N LEU B 457 44.03 -2.53 12.99
CA LEU B 457 44.96 -2.87 11.91
C LEU B 457 44.37 -2.82 10.49
N ASP B 458 43.02 -2.87 10.36
CA ASP B 458 42.36 -2.81 9.06
C ASP B 458 41.97 -1.37 8.64
N LEU B 459 42.25 -0.38 9.50
CA LEU B 459 41.93 1.02 9.24
C LEU B 459 42.46 1.59 7.91
N PRO B 460 43.70 1.30 7.44
CA PRO B 460 44.15 1.89 6.17
C PRO B 460 43.25 1.55 4.97
N GLN B 461 42.88 0.25 4.79
CA GLN B 461 42.04 -0.19 3.66
C GLN B 461 40.62 0.38 3.80
N ILE B 462 40.11 0.44 5.04
CA ILE B 462 38.77 0.99 5.29
C ILE B 462 38.77 2.46 4.88
N ILE B 463 39.76 3.22 5.37
CA ILE B 463 39.85 4.64 5.05
C ILE B 463 39.99 4.89 3.55
N GLU B 464 40.85 4.10 2.85
CA GLU B 464 40.99 4.30 1.41
C GLU B 464 39.64 4.11 0.69
N ARG B 465 38.85 3.10 1.07
CA ARG B 465 37.55 2.88 0.43
C ARG B 465 36.54 3.98 0.74
N LEU B 466 36.50 4.43 1.98
CA LEU B 466 35.51 5.43 2.36
C LEU B 466 35.83 6.84 1.94
N HIS B 467 37.13 7.15 1.81
CA HIS B 467 37.58 8.53 1.59
C HIS B 467 38.51 8.73 0.40
N GLY B 468 39.08 7.65 -0.09
CA GLY B 468 40.08 7.69 -1.16
C GLY B 468 41.48 7.90 -0.59
N LEU B 469 42.50 7.66 -1.42
CA LEU B 469 43.91 7.81 -1.05
C LEU B 469 44.27 9.20 -0.50
N SER B 470 43.56 10.24 -0.95
CA SER B 470 43.80 11.59 -0.48
C SER B 470 43.70 11.75 1.03
N ALA B 471 42.88 10.93 1.74
CA ALA B 471 42.77 11.02 3.20
C ALA B 471 44.14 10.85 3.91
N PHE B 472 45.12 10.24 3.22
CA PHE B 472 46.45 10.01 3.78
C PHE B 472 47.44 11.10 3.39
N THR B 473 47.02 12.03 2.52
CA THR B 473 47.92 13.06 2.02
C THR B 473 47.40 14.49 2.16
N LEU B 474 46.19 14.67 2.74
CA LEU B 474 45.66 16.03 2.96
C LEU B 474 46.60 16.94 3.77
N HIS B 475 46.66 18.20 3.34
CA HIS B 475 47.49 19.23 3.95
C HIS B 475 46.92 20.56 3.53
N SER B 476 47.47 21.66 4.08
CA SER B 476 47.00 23.01 3.78
C SER B 476 45.49 23.14 4.08
N TYR B 477 45.12 22.74 5.30
CA TYR B 477 43.73 22.82 5.80
C TYR B 477 43.34 24.30 5.90
N SER B 478 42.02 24.59 5.94
CA SER B 478 41.55 25.97 5.97
C SER B 478 41.87 26.69 7.28
N PRO B 479 42.08 28.05 7.24
CA PRO B 479 42.36 28.78 8.50
C PRO B 479 41.25 28.57 9.54
N GLY B 480 39.98 28.65 9.11
CA GLY B 480 38.80 28.42 9.93
C GLY B 480 38.80 27.05 10.59
N GLU B 481 39.16 26.00 9.81
CA GLU B 481 39.26 24.64 10.35
C GLU B 481 40.40 24.51 11.37
N ILE B 482 41.60 25.05 11.04
CA ILE B 482 42.76 25.01 11.94
C ILE B 482 42.42 25.77 13.24
N ASN B 483 41.82 26.96 13.11
CA ASN B 483 41.40 27.81 14.24
C ASN B 483 40.40 27.09 15.12
N ARG B 484 39.39 26.41 14.52
CA ARG B 484 38.37 25.66 15.28
C ARG B 484 39.03 24.54 16.10
N VAL B 485 39.92 23.76 15.48
CA VAL B 485 40.63 22.69 16.17
C VAL B 485 41.51 23.28 17.30
N ALA B 486 42.36 24.28 16.98
CA ALA B 486 43.25 24.91 17.95
C ALA B 486 42.48 25.46 19.16
N SER B 487 41.35 26.16 18.89
CA SER B 487 40.45 26.74 19.91
C SER B 487 39.87 25.64 20.81
N CYS B 488 39.40 24.52 20.20
CA CYS B 488 38.89 23.38 20.96
C CYS B 488 39.99 22.80 21.86
N LEU B 489 41.22 22.63 21.32
CA LEU B 489 42.33 22.07 22.12
C LEU B 489 42.67 22.94 23.33
N ARG B 490 42.60 24.29 23.16
CA ARG B 490 42.85 25.25 24.25
C ARG B 490 41.73 25.16 25.29
N LYS B 491 40.47 25.04 24.82
CA LYS B 491 39.30 24.89 25.69
C LYS B 491 39.40 23.63 26.57
N LEU B 492 39.76 22.48 25.96
CA LEU B 492 39.85 21.19 26.65
C LEU B 492 41.16 20.92 27.39
N GLY B 493 42.21 21.66 27.06
CA GLY B 493 43.52 21.43 27.65
C GLY B 493 44.19 20.24 26.98
N VAL B 494 43.96 20.10 25.67
CA VAL B 494 44.58 19.04 24.85
C VAL B 494 45.94 19.59 24.41
N PRO B 495 47.05 18.80 24.48
CA PRO B 495 48.36 19.32 23.98
C PRO B 495 48.28 19.88 22.56
N PRO B 496 49.13 20.87 22.20
CA PRO B 496 49.04 21.45 20.84
C PRO B 496 49.43 20.47 19.74
N LEU B 497 49.01 20.79 18.50
CA LEU B 497 49.24 19.97 17.31
C LEU B 497 50.70 19.56 17.10
N ARG B 498 51.67 20.47 17.40
CA ARG B 498 53.10 20.17 17.27
C ARG B 498 53.53 19.00 18.19
N THR B 499 52.98 18.94 19.42
CA THR B 499 53.25 17.85 20.38
C THR B 499 52.76 16.51 19.80
N TRP B 500 51.61 16.56 19.11
CA TRP B 500 51.01 15.38 18.49
C TRP B 500 51.87 14.83 17.38
N ARG B 501 52.50 15.73 16.59
CA ARG B 501 53.43 15.35 15.53
C ARG B 501 54.61 14.53 16.08
N HIS B 502 55.21 14.99 17.20
CA HIS B 502 56.33 14.32 17.86
C HIS B 502 55.91 12.92 18.31
N ARG B 503 54.77 12.83 19.04
CA ARG B 503 54.22 11.55 19.53
C ARG B 503 53.97 10.60 18.34
N ALA B 504 53.43 11.14 17.22
CA ALA B 504 53.14 10.37 16.01
C ALA B 504 54.38 9.79 15.33
N ARG B 505 55.52 10.53 15.29
CA ARG B 505 56.74 10.01 14.66
C ARG B 505 57.21 8.74 15.37
N SER B 506 57.10 8.73 16.70
CA SER B 506 57.48 7.62 17.57
C SER B 506 56.55 6.41 17.32
N VAL B 507 55.23 6.67 17.23
CA VAL B 507 54.21 5.64 16.97
C VAL B 507 54.48 5.03 15.60
N ARG B 508 54.67 5.91 14.59
CA ARG B 508 54.97 5.52 13.21
C ARG B 508 56.17 4.57 13.12
N ALA B 509 57.30 4.91 13.81
CA ALA B 509 58.51 4.07 13.79
C ALA B 509 58.26 2.69 14.40
N LYS B 510 57.55 2.66 15.54
CA LYS B 510 57.21 1.39 16.20
C LYS B 510 56.36 0.50 15.28
N LEU B 511 55.32 1.10 14.61
CA LEU B 511 54.47 0.37 13.67
C LEU B 511 55.25 -0.17 12.48
N LEU B 512 56.13 0.67 11.87
CA LEU B 512 56.94 0.25 10.72
C LEU B 512 57.86 -0.93 11.04
N SER B 513 58.41 -0.98 12.27
CA SER B 513 59.33 -2.04 12.71
C SER B 513 58.62 -3.38 12.94
N GLN B 514 57.27 -3.37 13.07
CA GLN B 514 56.51 -4.62 13.30
C GLN B 514 56.15 -5.36 12.02
N GLY B 515 56.33 -4.71 10.87
CA GLY B 515 55.99 -5.27 9.57
C GLY B 515 54.48 -5.48 9.41
N GLY B 516 54.09 -6.22 8.38
CA GLY B 516 52.71 -6.57 8.10
C GLY B 516 51.73 -5.40 8.08
N ARG B 517 50.52 -5.64 8.59
CA ARG B 517 49.44 -4.64 8.67
C ARG B 517 49.86 -3.45 9.53
N ALA B 518 50.63 -3.69 10.61
CA ALA B 518 51.14 -2.64 11.49
C ALA B 518 51.97 -1.62 10.70
N ALA B 519 52.82 -2.12 9.76
CA ALA B 519 53.67 -1.27 8.89
C ALA B 519 52.82 -0.49 7.90
N ILE B 520 51.71 -1.09 7.40
CA ILE B 520 50.79 -0.36 6.50
C ILE B 520 50.18 0.80 7.31
N CYS B 521 49.81 0.55 8.59
CA CYS B 521 49.30 1.59 9.50
C CYS B 521 50.34 2.71 9.66
N GLY B 522 51.58 2.33 9.98
CA GLY B 522 52.67 3.31 10.13
C GLY B 522 52.87 4.14 8.89
N ARG B 523 52.95 3.48 7.73
CA ARG B 523 53.19 4.12 6.43
C ARG B 523 52.05 5.05 5.96
N TYR B 524 50.79 4.55 5.98
CA TYR B 524 49.66 5.33 5.48
C TYR B 524 49.03 6.27 6.46
N LEU B 525 48.74 5.82 7.68
CA LEU B 525 48.08 6.69 8.66
C LEU B 525 48.94 7.81 9.18
N PHE B 526 50.26 7.62 9.18
CA PHE B 526 51.18 8.58 9.76
C PHE B 526 52.14 9.22 8.79
N ASN B 527 51.83 9.17 7.48
CA ASN B 527 52.67 9.83 6.47
C ASN B 527 52.75 11.34 6.69
N TRP B 528 51.71 11.96 7.29
CA TRP B 528 51.65 13.39 7.61
C TRP B 528 52.73 13.83 8.64
N ALA B 529 53.18 12.91 9.50
CA ALA B 529 54.12 13.22 10.60
C ALA B 529 55.61 13.32 10.22
N VAL B 530 55.97 12.83 9.03
CA VAL B 530 57.37 12.85 8.59
C VAL B 530 57.69 13.92 7.56
N ARG B 531 58.93 14.46 7.63
CA ARG B 531 59.46 15.46 6.70
C ARG B 531 59.66 14.73 5.35
N THR B 532 60.33 13.56 5.41
CA THR B 532 60.62 12.67 4.29
C THR B 532 59.33 11.87 3.99
N LYS B 533 58.41 12.49 3.22
CA LYS B 533 57.12 11.87 2.88
C LYS B 533 57.22 10.72 1.89
N LEU B 534 56.58 9.58 2.22
CA LEU B 534 56.59 8.41 1.35
C LEU B 534 55.51 8.51 0.28
N LYS B 535 55.78 7.97 -0.91
CA LYS B 535 54.83 7.92 -2.02
C LYS B 535 53.78 6.85 -1.71
N LEU B 536 52.53 7.24 -1.51
CA LEU B 536 51.47 6.30 -1.16
C LEU B 536 50.69 5.84 -2.38
N THR B 537 50.59 4.51 -2.57
CA THR B 537 49.89 3.93 -3.71
C THR B 537 48.64 3.17 -3.20
N PRO B 538 47.67 2.75 -4.06
CA PRO B 538 46.50 2.03 -3.54
C PRO B 538 46.84 0.77 -2.75
N ILE B 539 46.23 0.62 -1.56
CA ILE B 539 46.45 -0.52 -0.67
C ILE B 539 45.76 -1.75 -1.29
N PRO B 540 46.50 -2.86 -1.48
CA PRO B 540 45.88 -4.07 -2.06
C PRO B 540 44.60 -4.53 -1.35
N ALA B 541 44.60 -4.60 -0.01
CA ALA B 541 43.41 -5.05 0.73
C ALA B 541 42.15 -4.17 0.57
N ALA B 542 42.30 -2.90 0.09
CA ALA B 542 41.17 -1.99 -0.12
C ALA B 542 40.16 -2.53 -1.14
N SER B 543 40.66 -3.09 -2.27
CA SER B 543 39.83 -3.67 -3.33
C SER B 543 39.07 -4.92 -2.88
N GLN B 544 39.66 -5.67 -1.91
CA GLN B 544 39.14 -6.93 -1.36
C GLN B 544 38.04 -6.71 -0.33
N LEU B 545 38.05 -5.54 0.34
CA LEU B 545 37.10 -5.23 1.41
C LEU B 545 35.65 -5.40 1.02
N ASP B 546 34.91 -6.14 1.85
CA ASP B 546 33.48 -6.38 1.71
C ASP B 546 32.75 -5.37 2.60
N LEU B 547 32.30 -4.25 2.00
CA LEU B 547 31.59 -3.18 2.71
C LEU B 547 30.10 -3.17 2.31
N SER B 548 29.56 -4.34 1.85
CA SER B 548 28.18 -4.54 1.33
C SER B 548 27.02 -3.79 1.99
N GLY B 549 26.93 -3.90 3.32
CA GLY B 549 25.87 -3.29 4.12
C GLY B 549 26.31 -2.11 4.96
N TRP B 550 27.49 -1.54 4.66
CA TRP B 550 27.99 -0.41 5.43
C TRP B 550 27.16 0.88 5.28
N PHE B 551 26.91 1.23 4.04
CA PHE B 551 26.22 2.47 3.70
C PHE B 551 25.01 2.15 2.85
N VAL B 552 24.08 1.43 3.47
CA VAL B 552 22.83 1.06 2.80
C VAL B 552 21.70 1.78 3.53
N ALA B 553 21.65 1.68 4.87
CA ALA B 553 20.55 2.29 5.63
C ALA B 553 20.99 2.69 7.04
N GLY B 554 20.18 3.50 7.70
CA GLY B 554 20.46 3.91 9.07
C GLY B 554 19.72 2.97 10.00
N TYR B 555 20.32 2.65 11.16
CA TYR B 555 19.72 1.73 12.12
C TYR B 555 19.81 2.24 13.57
N SER B 556 19.97 3.57 13.77
CA SER B 556 20.10 4.08 15.15
C SER B 556 18.93 3.63 16.01
N GLY B 557 19.25 3.01 17.14
CA GLY B 557 18.28 2.50 18.11
C GLY B 557 17.67 1.17 17.72
N GLY B 558 18.01 0.68 16.52
CA GLY B 558 17.47 -0.54 15.91
C GLY B 558 18.10 -1.87 16.30
N ASP B 559 19.13 -1.87 17.19
CA ASP B 559 19.72 -3.12 17.71
C ASP B 559 20.28 -3.99 16.56
N ILE B 560 21.07 -3.38 15.68
CA ILE B 560 21.64 -4.07 14.54
C ILE B 560 23.14 -4.25 14.68
N TYR B 561 23.61 -5.45 14.32
CA TYR B 561 25.01 -5.83 14.35
C TYR B 561 25.35 -6.34 12.98
N HIS B 562 26.40 -5.77 12.36
CA HIS B 562 26.72 -6.18 11.00
C HIS B 562 27.91 -7.09 10.86
N SER B 563 28.93 -6.94 11.73
CA SER B 563 30.10 -7.82 11.67
C SER B 563 29.78 -9.30 11.96
P PO4 C . -50.75 5.88 -37.61
O1 PO4 C . -50.32 7.20 -36.96
O2 PO4 C . -49.65 4.72 -37.57
O3 PO4 C . -52.04 5.43 -36.90
O4 PO4 C . -51.06 6.10 -39.18
C1 053 D . -26.72 -5.71 -17.29
C2 053 D . -27.65 -6.14 -18.18
C3 053 D . -29.08 -6.17 -17.83
C4 053 D . -29.47 -5.78 -16.59
N5 053 D . -28.55 -5.31 -15.69
C6 053 D . -27.20 -5.22 -15.94
C7 053 D . -21.46 -7.63 -17.11
C8 053 D . -22.25 -8.54 -17.82
C9 053 D . -21.83 -9.86 -17.94
N10 053 D . -20.68 -10.31 -17.37
C11 053 D . -19.93 -9.42 -16.68
C12 053 D . -20.26 -8.09 -16.53
C13 053 D . -24.39 -4.02 -20.89
C14 053 D . -23.01 -4.19 -20.77
C15 053 D . -22.46 -4.80 -19.66
C16 053 D . -25.27 -4.48 -19.90
C17 053 D . -24.74 -5.11 -18.76
C18 053 D . -23.35 -5.24 -18.67
N19 053 D . -23.11 -5.85 -17.47
C20 053 D . -24.27 -6.12 -16.79
C21 053 D . -25.31 -5.65 -17.59
C22 053 D . -24.25 -6.74 -15.48
O23 053 D . -23.49 -6.43 -14.58
C24 053 D . -21.80 -6.19 -16.92
C25 053 D . -24.91 -3.33 -22.10
O26 053 D . -25.29 -7.57 -15.25
F27 053 D . -24.34 -2.11 -22.25
F28 053 D . -24.65 -4.00 -23.24
F29 053 D . -26.25 -3.14 -22.10
O30 053 D . -26.40 -4.77 -15.10
N31 053 D . -22.62 -10.74 -18.68
C1 053 E . 28.87 8.91 12.23
C2 053 E . 29.88 9.60 12.82
C3 053 E . 30.86 8.95 13.64
C4 053 E . 30.80 7.63 13.83
N5 053 E . 29.81 6.88 13.26
C6 053 E . 28.82 7.43 12.45
C7 053 E . 23.79 11.09 11.20
C8 053 E . 24.43 11.90 12.13
C9 053 E . 23.67 12.74 12.95
N10 053 E . 22.31 12.77 12.89
C11 053 E . 21.71 11.97 11.99
C12 053 E . 22.38 11.14 11.12
C13 053 E . 29.22 11.79 8.69
C14 053 E . 27.98 12.18 8.16
C15 053 E . 26.78 11.67 8.69
C16 053 E . 29.32 10.94 9.78
C17 053 E . 28.14 10.42 10.33
C18 053 E . 26.90 10.78 9.77
N19 053 E . 25.94 10.11 10.48
C20 053 E . 26.49 9.34 11.48
C21 053 E . 27.87 9.53 11.41
C22 053 E . 25.68 8.54 12.34
O23 053 E . 24.72 7.89 11.98
C24 053 E . 24.49 10.18 10.24
C25 053 E . 30.44 12.35 8.05
O26 053 E . 26.11 8.55 13.63
F27 053 E . 30.44 12.08 6.72
F28 053 E . 30.49 13.68 8.18
F29 053 E . 31.59 11.89 8.58
O30 053 E . 27.96 6.72 11.94
N31 053 E . 24.34 13.56 13.85
#